data_6IV9
#
_entry.id   6IV9
#
_cell.length_a   72.224
_cell.length_b   136.481
_cell.length_c   147.283
_cell.angle_alpha   90.000
_cell.angle_beta   90.000
_cell.angle_gamma   90.000
#
_symmetry.space_group_name_H-M   'P 21 21 21'
#
loop_
_entity.id
_entity.type
_entity.pdbx_description
1 polymer Cas13d
2 polymer 'crRNA (50-MER)'
3 non-polymer 'MAGNESIUM ION'
4 water water
#
loop_
_entity_poly.entity_id
_entity_poly.type
_entity_poly.pdbx_seq_one_letter_code
_entity_poly.pdbx_strand_id
1 'polypeptide(L)'
;MAKKNKMKPRELREAQKKARQLKAAEINNNAAPAIAAMPAAEVIAPVAEKKKSSVKAAGMKSILVSENKMYITSFGKGNS
AVLEYEVDNNDYNKTQLSSKDNSNIELGDVNEVNITFSSKHGFGSGVEINTSNPTHRSGESSPVRGDMLGLKSELEKRFF
GKTFDDNIHIQLIYNILDIEKILAVYVTNIVYALNNMLGIKDSESYDDFMGYLSARNTYEVFTHPDKSNLSDKVKGNIKK
SLSKFNDLLKTKRLGYFGLEEPKTKDTRASEAYKKRVYHMLAIVGQIAQCVFHDKSGAKRFDLYSFINNIDPEYRDTLDY
LVEERLKSINKDFIEGNKVNISLLIDMMKGYEADDIIRLYYDFIVLKSQKNLGFSIKKLREKMLEEYGFRFKDKQYDSVR
SKMYKLMDFLLFCNYYRNDVAAGEALVRKLRFSMTDDEKEGIYADEAAKLWGKFRNDFENIADHMNGDVIKELGKADMDF
DEKILDSEKKNASDLLYFSKMIYMLTYFLDGKEINDLLTTLISKFDNIKEFLKIMKSSAVDVECELTAGYKLFNDSQRIT
NELFIVKNIASMRKPAASAKLTMFRDALTILGIDDNITDDRISEILKLKEKGKGIHGLRNFITNNVIESSRFVYLIKYAN
AQKIREVAKNEKVVMFVLGGIPDTQIERYYKSCVEFPDMNSSLEAKRSELARMIKNISFDDFKNVKQQAKGRENVAKERA
KAVIGLYLTVMYLLVKNLVNVNARYVIAIHCLERDFGLYKEIIPELASKNLKNDYRILSQTLCELCDDRNESSNLFLKKN
KRLRKCVEVDINNADSSMTRKYANCIAHLTVVRELKEYIGDIRTVDSYFSIYHYVMQRCITKRGDDTKQEEKIKYEDDLL
KNHGYTKDFVKALNSPFGYNIPRFKNLSIEQLFDRNEYLTEKLEHHHHHH
;
A
2 'polyribonucleotide' CACUGGUGCAAAUUUGCACUAGUCUAAAACUCCUCGAUUACAUACACAAA B
#
# COMPACT_ATOMS: atom_id res chain seq x y z
N GLU A 49 8.37 -27.10 8.20
CA GLU A 49 8.71 -25.67 8.46
C GLU A 49 9.44 -25.09 7.24
N LYS A 50 8.99 -23.93 6.75
CA LYS A 50 9.68 -23.37 5.58
C LYS A 50 11.07 -22.90 6.01
N LYS A 51 12.07 -23.23 5.19
CA LYS A 51 13.46 -22.84 5.46
C LYS A 51 13.86 -21.79 4.41
N LYS A 52 14.65 -20.84 4.85
CA LYS A 52 15.20 -19.74 4.04
C LYS A 52 16.32 -20.28 3.14
N SER A 53 16.76 -19.47 2.21
CA SER A 53 17.90 -19.85 1.38
C SER A 53 19.14 -19.82 2.28
N SER A 54 19.90 -20.91 2.34
CA SER A 54 21.16 -20.90 3.11
C SER A 54 22.18 -19.98 2.43
N VAL A 55 22.07 -19.81 1.13
CA VAL A 55 23.01 -18.91 0.43
C VAL A 55 22.81 -17.48 0.93
N LYS A 56 21.56 -17.02 1.02
CA LYS A 56 21.28 -15.66 1.55
C LYS A 56 21.66 -15.60 3.03
N ALA A 57 21.31 -16.64 3.79
CA ALA A 57 21.59 -16.66 5.24
C ALA A 57 23.09 -16.54 5.51
N ALA A 58 23.90 -17.26 4.74
CA ALA A 58 25.37 -17.29 4.85
C ALA A 58 26.00 -15.94 4.53
N GLY A 59 25.29 -15.08 3.81
CA GLY A 59 25.79 -13.73 3.50
C GLY A 59 25.98 -13.40 2.02
N MET A 60 25.70 -14.30 1.09
CA MET A 60 25.87 -13.95 -0.35
C MET A 60 24.61 -13.24 -0.84
N LYS A 61 24.74 -11.94 -1.07
CA LYS A 61 23.63 -11.07 -1.54
C LYS A 61 23.31 -11.27 -3.02
N SER A 62 24.32 -11.26 -3.87
CA SER A 62 24.02 -11.41 -5.30
C SER A 62 25.25 -11.85 -6.10
N ILE A 63 25.02 -12.54 -7.20
CA ILE A 63 26.11 -12.82 -8.16
C ILE A 63 25.74 -12.07 -9.44
N LEU A 64 26.42 -10.96 -9.71
CA LEU A 64 26.16 -10.16 -10.92
C LEU A 64 26.95 -10.78 -12.06
N VAL A 65 26.35 -10.87 -13.23
CA VAL A 65 27.01 -11.54 -14.37
C VAL A 65 27.19 -10.57 -15.54
N SER A 66 28.40 -10.56 -16.05
CA SER A 66 28.75 -9.84 -17.30
C SER A 66 29.21 -10.91 -18.30
N GLU A 67 29.53 -10.49 -19.52
CA GLU A 67 29.93 -11.55 -20.48
C GLU A 67 31.20 -12.24 -19.96
N ASN A 68 32.18 -11.50 -19.48
CA ASN A 68 33.44 -12.20 -19.13
C ASN A 68 33.64 -12.40 -17.63
N LYS A 69 32.87 -11.73 -16.78
CA LYS A 69 33.13 -11.81 -15.33
C LYS A 69 31.86 -11.95 -14.51
N MET A 70 32.03 -12.38 -13.27
CA MET A 70 30.95 -12.46 -12.26
C MET A 70 31.42 -11.64 -11.09
N TYR A 71 30.52 -10.90 -10.46
CA TYR A 71 30.84 -10.12 -9.26
C TYR A 71 29.96 -10.63 -8.15
N ILE A 72 30.58 -11.07 -7.06
CA ILE A 72 29.87 -11.63 -5.90
C ILE A 72 29.77 -10.54 -4.83
N THR A 73 28.58 -10.31 -4.31
CA THR A 73 28.42 -9.29 -3.26
C THR A 73 27.87 -9.96 -2.00
N SER A 74 28.14 -9.34 -0.86
CA SER A 74 27.65 -9.81 0.45
C SER A 74 26.78 -8.70 1.06
N PHE A 75 26.06 -9.03 2.10
CA PHE A 75 25.18 -8.01 2.69
C PHE A 75 25.96 -7.07 3.60
N GLY A 76 25.80 -5.79 3.33
CA GLY A 76 26.25 -4.71 4.21
C GLY A 76 25.08 -4.31 5.10
N LYS A 77 25.14 -3.10 5.66
CA LYS A 77 24.02 -2.62 6.49
C LYS A 77 22.80 -2.39 5.59
N GLY A 78 21.63 -2.82 6.03
CA GLY A 78 20.41 -2.59 5.26
C GLY A 78 20.51 -3.16 3.86
N ASN A 79 20.32 -2.32 2.85
CA ASN A 79 20.34 -2.77 1.44
C ASN A 79 21.71 -2.57 0.80
N SER A 80 22.70 -2.16 1.57
CA SER A 80 24.06 -1.96 1.01
C SER A 80 24.69 -3.28 0.58
N ALA A 81 25.45 -3.21 -0.50
CA ALA A 81 26.17 -4.36 -1.08
C ALA A 81 27.67 -4.21 -0.81
N VAL A 82 28.32 -5.29 -0.39
CA VAL A 82 29.79 -5.27 -0.22
C VAL A 82 30.34 -6.07 -1.39
N LEU A 83 31.07 -5.42 -2.30
CA LEU A 83 31.65 -6.20 -3.41
C LEU A 83 32.71 -7.11 -2.79
N GLU A 84 32.60 -8.40 -3.02
CA GLU A 84 33.54 -9.32 -2.37
C GLU A 84 34.55 -9.86 -3.38
N TYR A 85 34.08 -10.42 -4.48
CA TYR A 85 35.01 -11.03 -5.43
C TYR A 85 34.63 -10.78 -6.88
N GLU A 86 35.64 -10.78 -7.72
CA GLU A 86 35.45 -10.74 -9.17
C GLU A 86 35.95 -12.09 -9.67
N VAL A 87 35.16 -12.80 -10.45
CA VAL A 87 35.54 -14.15 -10.95
C VAL A 87 35.55 -14.14 -12.47
N ASP A 88 36.56 -14.76 -13.07
CA ASP A 88 36.64 -14.82 -14.54
C ASP A 88 35.83 -16.03 -15.01
N ASN A 89 34.90 -15.82 -15.92
CA ASN A 89 34.02 -16.91 -16.41
C ASN A 89 34.81 -18.00 -17.14
N ASN A 90 35.81 -17.61 -17.91
CA ASN A 90 36.63 -18.55 -18.70
C ASN A 90 37.64 -19.38 -17.89
N ASP A 91 38.42 -18.76 -17.01
CA ASP A 91 39.45 -19.58 -16.30
C ASP A 91 39.14 -19.80 -14.82
N TYR A 92 38.08 -19.17 -14.31
CA TYR A 92 37.63 -19.30 -12.91
C TYR A 92 38.58 -18.63 -11.91
N ASN A 93 39.48 -17.80 -12.39
CA ASN A 93 40.39 -17.05 -11.50
C ASN A 93 39.57 -16.08 -10.66
N LYS A 94 39.96 -15.86 -9.41
CA LYS A 94 39.19 -14.94 -8.56
C LYS A 94 40.08 -13.85 -7.98
N THR A 95 39.52 -12.67 -7.81
CA THR A 95 40.21 -11.52 -7.22
C THR A 95 39.34 -11.00 -6.09
N GLN A 96 39.91 -10.85 -4.90
CA GLN A 96 39.13 -10.32 -3.76
C GLN A 96 39.09 -8.81 -3.86
N LEU A 97 37.89 -8.25 -3.85
CA LEU A 97 37.68 -6.78 -3.92
C LEU A 97 37.52 -6.21 -2.52
N SER A 98 36.97 -7.01 -1.61
CA SER A 98 36.73 -6.58 -0.22
C SER A 98 38.02 -6.54 0.60
N SER A 99 38.03 -5.66 1.59
CA SER A 99 39.14 -5.55 2.57
C SER A 99 39.00 -6.68 3.58
N LYS A 100 40.04 -6.93 4.35
CA LYS A 100 39.98 -8.01 5.37
C LYS A 100 38.88 -7.68 6.38
N ASP A 101 38.76 -6.42 6.77
CA ASP A 101 37.73 -6.01 7.75
C ASP A 101 36.31 -6.11 7.18
N ASN A 102 36.08 -5.61 5.97
CA ASN A 102 34.73 -5.61 5.35
C ASN A 102 34.22 -6.99 4.91
N SER A 103 35.11 -7.92 4.59
CA SER A 103 34.69 -9.22 4.00
C SER A 103 33.77 -10.03 4.92
N ASN A 104 32.70 -10.57 4.34
CA ASN A 104 31.70 -11.37 5.09
C ASN A 104 31.70 -12.84 4.65
N ILE A 105 32.29 -13.13 3.50
CA ILE A 105 32.28 -14.51 3.00
C ILE A 105 33.64 -14.86 2.43
N GLU A 106 33.97 -16.16 2.48
CA GLU A 106 35.25 -16.69 1.96
C GLU A 106 34.89 -17.53 0.73
N LEU A 107 35.49 -17.22 -0.41
CA LEU A 107 35.19 -17.99 -1.62
C LEU A 107 36.09 -19.22 -1.66
N GLY A 108 35.48 -20.37 -1.90
CA GLY A 108 36.22 -21.62 -2.03
C GLY A 108 36.41 -21.93 -3.50
N ASP A 109 36.19 -23.17 -3.89
CA ASP A 109 36.42 -23.55 -5.29
C ASP A 109 35.31 -22.99 -6.19
N VAL A 110 35.70 -22.48 -7.34
CA VAL A 110 34.74 -22.01 -8.38
C VAL A 110 35.01 -22.84 -9.63
N ASN A 111 33.98 -23.43 -10.20
CA ASN A 111 34.13 -24.21 -11.44
C ASN A 111 32.94 -23.90 -12.36
N GLU A 112 32.86 -24.61 -13.47
CA GLU A 112 31.82 -24.35 -14.48
C GLU A 112 30.43 -24.53 -13.88
N VAL A 113 30.27 -25.47 -12.97
CA VAL A 113 28.92 -25.83 -12.43
C VAL A 113 28.65 -25.23 -11.06
N ASN A 114 29.64 -25.22 -10.16
CA ASN A 114 29.35 -24.82 -8.77
C ASN A 114 30.29 -23.77 -8.23
N ILE A 115 29.80 -23.08 -7.22
CA ILE A 115 30.54 -22.07 -6.44
C ILE A 115 30.44 -22.52 -4.98
N THR A 116 31.57 -22.64 -4.31
CA THR A 116 31.55 -23.05 -2.90
C THR A 116 32.03 -21.87 -2.09
N PHE A 117 31.39 -21.62 -0.96
CA PHE A 117 31.81 -20.49 -0.11
C PHE A 117 31.38 -20.77 1.31
N SER A 118 31.85 -19.95 2.22
CA SER A 118 31.47 -20.09 3.63
C SER A 118 31.45 -18.70 4.27
N SER A 119 30.73 -18.57 5.37
CA SER A 119 30.65 -17.31 6.11
C SER A 119 31.95 -17.08 6.87
N LYS A 120 32.37 -15.83 7.00
CA LYS A 120 33.57 -15.50 7.81
C LYS A 120 33.12 -15.17 9.23
N HIS A 121 31.81 -15.19 9.48
CA HIS A 121 31.27 -14.77 10.80
C HIS A 121 30.52 -15.87 11.55
N GLY A 122 30.71 -17.12 11.19
CA GLY A 122 30.12 -18.22 11.97
C GLY A 122 28.79 -18.81 11.52
N PHE A 123 28.28 -18.46 10.34
CA PHE A 123 27.00 -19.09 9.92
C PHE A 123 27.26 -20.58 9.78
N GLY A 124 26.45 -21.38 10.46
CA GLY A 124 26.57 -22.85 10.43
C GLY A 124 27.94 -23.29 10.88
N SER A 125 28.54 -22.52 11.78
CA SER A 125 29.90 -22.82 12.28
C SER A 125 30.91 -22.94 11.13
N GLY A 126 30.82 -22.07 10.14
CA GLY A 126 31.76 -22.07 9.01
C GLY A 126 31.49 -23.16 7.99
N VAL A 127 30.29 -23.71 7.96
CA VAL A 127 29.96 -24.80 7.00
C VAL A 127 30.15 -24.32 5.55
N GLU A 128 30.56 -25.22 4.68
CA GLU A 128 30.72 -24.90 3.24
C GLU A 128 29.33 -24.90 2.61
N ILE A 129 29.06 -23.89 1.80
CA ILE A 129 27.75 -23.76 1.09
C ILE A 129 28.02 -23.89 -0.40
N ASN A 130 27.25 -24.71 -1.09
CA ASN A 130 27.42 -24.87 -2.55
C ASN A 130 26.24 -24.21 -3.24
N THR A 131 26.52 -23.38 -4.23
CA THR A 131 25.48 -22.68 -5.02
C THR A 131 25.80 -22.89 -6.50
N SER A 132 24.79 -22.87 -7.35
CA SER A 132 25.02 -23.04 -8.81
C SER A 132 25.82 -21.88 -9.35
N ASN A 133 26.73 -22.16 -10.26
CA ASN A 133 27.40 -21.06 -10.98
C ASN A 133 26.29 -20.55 -11.89
N PRO A 134 25.88 -19.28 -11.83
CA PRO A 134 24.75 -18.77 -12.62
C PRO A 134 24.94 -18.80 -14.14
N THR A 135 26.18 -18.93 -14.59
CA THR A 135 26.47 -18.96 -16.05
C THR A 135 26.23 -20.37 -16.62
N HIS A 136 25.94 -21.34 -15.77
CA HIS A 136 25.77 -22.74 -16.24
C HIS A 136 24.29 -23.06 -16.46
N ARG A 137 23.85 -23.00 -17.72
CA ARG A 137 22.45 -23.32 -18.10
C ARG A 137 22.43 -24.06 -19.44
N SER A 138 21.75 -25.19 -19.50
CA SER A 138 21.72 -26.00 -20.74
C SER A 138 20.87 -25.32 -21.81
N GLY A 139 21.29 -25.42 -23.06
CA GLY A 139 20.54 -24.85 -24.17
C GLY A 139 20.63 -23.34 -24.25
N GLU A 140 21.55 -22.73 -23.52
CA GLU A 140 21.73 -21.27 -23.61
C GLU A 140 23.21 -20.97 -23.87
N SER A 141 23.51 -20.34 -24.98
CA SER A 141 24.91 -20.03 -25.32
C SER A 141 25.53 -18.97 -24.39
N SER A 142 24.78 -17.93 -24.06
CA SER A 142 25.35 -16.83 -23.25
C SER A 142 25.50 -17.17 -21.78
N PRO A 143 26.55 -16.68 -21.11
CA PRO A 143 26.70 -16.79 -19.68
C PRO A 143 25.59 -15.95 -19.03
N VAL A 144 25.15 -14.92 -19.73
CA VAL A 144 24.15 -13.95 -19.18
C VAL A 144 22.72 -14.44 -19.39
N ARG A 145 22.04 -14.63 -18.28
CA ARG A 145 20.62 -15.06 -18.25
C ARG A 145 19.74 -13.99 -18.92
N GLY A 146 18.72 -14.39 -19.64
CA GLY A 146 17.74 -13.45 -20.23
C GLY A 146 16.51 -13.39 -19.35
N ASP A 147 15.62 -12.42 -19.55
CA ASP A 147 14.38 -12.38 -18.73
C ASP A 147 13.36 -13.38 -19.30
N MET A 148 12.41 -13.82 -18.49
CA MET A 148 11.41 -14.83 -18.93
C MET A 148 10.57 -14.29 -20.09
N LEU A 149 10.24 -13.01 -20.10
CA LEU A 149 9.41 -12.41 -21.17
C LEU A 149 10.22 -12.23 -22.47
N GLY A 150 11.53 -12.19 -22.38
CA GLY A 150 12.36 -11.93 -23.56
C GLY A 150 12.40 -10.47 -23.92
N LEU A 151 12.10 -9.58 -22.99
CA LEU A 151 12.08 -8.12 -23.27
C LEU A 151 13.31 -7.40 -22.72
N LYS A 152 14.32 -8.14 -22.28
CA LYS A 152 15.50 -7.50 -21.66
C LYS A 152 16.14 -6.52 -22.64
N SER A 153 16.34 -6.90 -23.90
CA SER A 153 17.00 -5.98 -24.85
C SER A 153 16.16 -4.73 -25.11
N GLU A 154 14.86 -4.90 -25.33
CA GLU A 154 13.98 -3.74 -25.57
C GLU A 154 13.99 -2.84 -24.34
N LEU A 155 13.92 -3.42 -23.15
CA LEU A 155 13.92 -2.61 -21.92
C LEU A 155 15.24 -1.85 -21.76
N GLU A 156 16.37 -2.48 -22.01
CA GLU A 156 17.67 -1.80 -21.88
C GLU A 156 17.72 -0.62 -22.85
N LYS A 157 17.25 -0.83 -24.07
CA LYS A 157 17.27 0.29 -25.05
C LYS A 157 16.38 1.43 -24.54
N ARG A 158 15.20 1.13 -24.03
CA ARG A 158 14.27 2.18 -23.54
C ARG A 158 14.89 2.95 -22.36
N PHE A 159 15.53 2.28 -21.42
CA PHE A 159 16.04 2.98 -20.23
C PHE A 159 17.48 3.47 -20.36
N PHE A 160 18.32 2.79 -21.14
CA PHE A 160 19.75 3.16 -21.22
C PHE A 160 20.19 3.51 -22.65
N GLY A 161 19.34 3.34 -23.64
CA GLY A 161 19.69 3.70 -25.03
C GLY A 161 20.49 2.64 -25.78
N LYS A 162 20.85 1.54 -25.14
CA LYS A 162 21.58 0.45 -25.82
C LYS A 162 21.42 -0.85 -25.04
N THR A 163 21.78 -1.97 -25.65
CA THR A 163 21.73 -3.28 -24.97
C THR A 163 23.05 -3.51 -24.22
N PHE A 164 23.05 -4.43 -23.26
CA PHE A 164 24.26 -4.71 -22.47
C PHE A 164 24.45 -6.21 -22.33
N ASP A 165 25.71 -6.63 -22.26
CA ASP A 165 26.04 -8.06 -22.05
C ASP A 165 26.27 -8.32 -20.57
N ASP A 166 25.29 -7.95 -19.77
CA ASP A 166 25.31 -8.11 -18.31
C ASP A 166 23.85 -8.25 -17.84
N ASN A 167 23.70 -8.73 -16.62
CA ASN A 167 22.35 -8.94 -16.06
C ASN A 167 22.06 -7.87 -14.99
N ILE A 168 22.90 -6.85 -14.92
CA ILE A 168 22.75 -5.79 -13.89
C ILE A 168 21.71 -4.74 -14.27
N HIS A 169 21.75 -4.27 -15.51
CA HIS A 169 20.82 -3.21 -15.95
C HIS A 169 19.36 -3.68 -15.85
N ILE A 170 19.10 -4.91 -16.26
CA ILE A 170 17.72 -5.46 -16.25
C ILE A 170 17.18 -5.52 -14.82
N GLN A 171 18.03 -5.84 -13.85
CA GLN A 171 17.59 -5.91 -12.45
C GLN A 171 17.17 -4.51 -11.97
N LEU A 172 17.93 -3.49 -12.33
CA LEU A 172 17.55 -2.11 -11.96
C LEU A 172 16.22 -1.78 -12.63
N ILE A 173 16.08 -2.14 -13.91
CA ILE A 173 14.85 -1.84 -14.69
C ILE A 173 13.62 -2.51 -14.08
N TYR A 174 13.73 -3.77 -13.63
CA TYR A 174 12.57 -4.48 -13.02
C TYR A 174 12.11 -3.71 -11.77
N ASN A 175 13.05 -3.09 -11.07
CA ASN A 175 12.69 -2.27 -9.90
C ASN A 175 11.85 -1.07 -10.34
N ILE A 176 12.21 -0.44 -11.46
CA ILE A 176 11.40 0.69 -12.01
C ILE A 176 10.03 0.17 -12.44
N LEU A 177 9.95 -1.01 -13.05
CA LEU A 177 8.64 -1.55 -13.47
C LEU A 177 7.74 -1.77 -12.25
N ASP A 178 8.33 -2.19 -11.13
CA ASP A 178 7.60 -2.42 -9.85
C ASP A 178 7.01 -1.10 -9.35
N ILE A 179 7.77 -0.01 -9.50
CA ILE A 179 7.27 1.32 -9.07
C ILE A 179 6.02 1.63 -9.90
N GLU A 180 6.08 1.38 -11.19
CA GLU A 180 4.91 1.67 -12.07
C GLU A 180 3.74 0.75 -11.71
N LYS A 181 3.99 -0.51 -11.38
CA LYS A 181 2.88 -1.44 -11.05
C LYS A 181 2.14 -0.93 -9.81
N ILE A 182 2.88 -0.55 -8.78
CA ILE A 182 2.23 -0.07 -7.53
C ILE A 182 1.50 1.24 -7.77
N LEU A 183 2.07 2.14 -8.56
CA LEU A 183 1.38 3.43 -8.85
C LEU A 183 0.09 3.15 -9.62
N ALA A 184 0.10 2.17 -10.51
CA ALA A 184 -1.10 1.82 -11.30
C ALA A 184 -2.22 1.40 -10.35
N VAL A 185 -1.90 0.62 -9.32
CA VAL A 185 -2.95 0.20 -8.36
C VAL A 185 -3.53 1.42 -7.63
N TYR A 186 -2.68 2.25 -7.05
CA TYR A 186 -3.16 3.40 -6.26
C TYR A 186 -3.87 4.47 -7.09
N VAL A 187 -3.36 4.81 -8.27
CA VAL A 187 -4.11 5.82 -9.08
C VAL A 187 -5.46 5.24 -9.49
N THR A 188 -5.50 3.95 -9.79
CA THR A 188 -6.79 3.36 -10.18
C THR A 188 -7.77 3.50 -9.01
N ASN A 189 -7.32 3.18 -7.81
CA ASN A 189 -8.19 3.28 -6.63
C ASN A 189 -8.59 4.74 -6.36
N ILE A 190 -7.65 5.67 -6.45
CA ILE A 190 -7.97 7.10 -6.16
C ILE A 190 -8.98 7.63 -7.18
N VAL A 191 -8.79 7.33 -8.44
CA VAL A 191 -9.73 7.83 -9.48
C VAL A 191 -11.12 7.26 -9.19
N TYR A 192 -11.20 5.99 -8.83
CA TYR A 192 -12.51 5.39 -8.52
C TYR A 192 -13.12 6.10 -7.31
N ALA A 193 -12.33 6.34 -6.29
CA ALA A 193 -12.84 6.99 -5.06
C ALA A 193 -13.39 8.38 -5.39
N LEU A 194 -12.65 9.14 -6.20
CA LEU A 194 -13.10 10.50 -6.55
C LEU A 194 -14.42 10.44 -7.34
N ASN A 195 -14.52 9.53 -8.29
CA ASN A 195 -15.77 9.35 -9.06
C ASN A 195 -16.90 8.89 -8.13
N ASN A 196 -16.59 7.97 -7.23
CA ASN A 196 -17.57 7.38 -6.30
C ASN A 196 -18.13 8.47 -5.37
N MET A 197 -17.27 9.41 -5.02
CA MET A 197 -17.52 10.52 -4.07
C MET A 197 -18.67 11.38 -4.58
N LEU A 198 -18.86 11.41 -5.89
CA LEU A 198 -19.91 12.22 -6.54
C LEU A 198 -21.31 11.74 -6.12
N GLY A 199 -21.49 10.45 -5.95
CA GLY A 199 -22.83 9.94 -5.61
C GLY A 199 -23.72 9.74 -6.83
N ILE A 200 -23.13 9.64 -8.02
CA ILE A 200 -23.88 9.39 -9.28
C ILE A 200 -23.98 7.87 -9.43
N LYS A 201 -24.87 7.27 -8.67
CA LYS A 201 -24.91 5.79 -8.67
C LYS A 201 -25.25 5.25 -10.07
N ASP A 202 -26.23 5.86 -10.76
CA ASP A 202 -26.57 5.36 -12.12
C ASP A 202 -25.78 6.17 -13.15
N SER A 203 -24.67 5.62 -13.65
CA SER A 203 -23.86 6.40 -14.62
C SER A 203 -23.04 5.49 -15.55
N GLU A 204 -23.28 5.55 -16.85
CA GLU A 204 -22.44 4.77 -17.80
C GLU A 204 -21.02 5.40 -17.84
N SER A 205 -20.94 6.73 -17.95
CA SER A 205 -19.63 7.44 -18.08
C SER A 205 -18.74 7.24 -16.85
N TYR A 206 -17.43 7.34 -17.06
CA TYR A 206 -16.51 7.15 -15.92
C TYR A 206 -15.40 8.20 -15.93
N ASP A 207 -14.66 8.28 -17.01
CA ASP A 207 -13.50 9.19 -16.96
C ASP A 207 -13.74 10.49 -17.70
N ASP A 208 -15.00 10.88 -17.77
CA ASP A 208 -15.38 12.22 -18.31
C ASP A 208 -14.82 13.24 -17.32
N PHE A 209 -14.66 12.82 -16.07
CA PHE A 209 -14.18 13.76 -15.03
C PHE A 209 -12.66 13.70 -14.97
N MET A 210 -12.07 12.67 -14.37
CA MET A 210 -10.59 12.63 -14.25
C MET A 210 -9.87 12.51 -15.60
N GLY A 211 -10.46 11.81 -16.56
CA GLY A 211 -9.84 11.59 -17.88
C GLY A 211 -9.59 12.85 -18.68
N TYR A 212 -10.42 13.87 -18.53
CA TYR A 212 -10.28 15.12 -19.33
C TYR A 212 -9.39 16.15 -18.64
N LEU A 213 -8.91 15.86 -17.44
CA LEU A 213 -7.99 16.80 -16.76
C LEU A 213 -6.60 16.68 -17.37
N SER A 214 -5.85 17.75 -17.34
CA SER A 214 -4.46 17.64 -17.80
C SER A 214 -3.61 18.54 -16.93
N ALA A 215 -2.45 18.04 -16.51
CA ALA A 215 -1.51 18.82 -15.67
C ALA A 215 -0.85 19.90 -16.54
N ARG A 216 -1.09 19.85 -17.85
CA ARG A 216 -0.51 20.83 -18.78
C ARG A 216 -1.42 22.05 -18.89
N ASN A 217 -2.56 22.01 -18.21
CA ASN A 217 -3.47 23.17 -18.16
C ASN A 217 -3.37 23.82 -16.79
N THR A 218 -3.18 25.13 -16.76
CA THR A 218 -3.17 25.87 -15.48
C THR A 218 -4.62 26.01 -15.00
N TYR A 219 -4.80 26.47 -13.77
CA TYR A 219 -6.16 26.64 -13.21
C TYR A 219 -6.93 27.65 -14.07
N GLU A 220 -6.23 28.67 -14.55
CA GLU A 220 -6.88 29.72 -15.37
C GLU A 220 -7.45 29.09 -16.63
N VAL A 221 -6.66 28.28 -17.31
CA VAL A 221 -7.16 27.61 -18.54
C VAL A 221 -8.32 26.67 -18.18
N PHE A 222 -8.21 25.97 -17.07
CA PHE A 222 -9.27 25.02 -16.64
C PHE A 222 -10.58 25.73 -16.39
N THR A 223 -10.55 26.87 -15.72
CA THR A 223 -11.78 27.62 -15.35
C THR A 223 -12.26 28.52 -16.49
N HIS A 224 -11.41 28.85 -17.45
CA HIS A 224 -11.81 29.69 -18.60
C HIS A 224 -11.34 29.03 -19.89
N PRO A 225 -11.88 27.86 -20.26
CA PRO A 225 -11.44 27.16 -21.46
C PRO A 225 -11.69 27.96 -22.73
N ASP A 226 -12.81 28.69 -22.78
CA ASP A 226 -13.19 29.45 -24.00
C ASP A 226 -12.15 30.52 -24.32
N LYS A 227 -11.61 31.19 -23.31
CA LYS A 227 -10.59 32.26 -23.51
C LYS A 227 -9.28 31.65 -23.97
N SER A 228 -9.25 30.33 -24.04
CA SER A 228 -8.06 29.54 -24.45
C SER A 228 -7.93 29.52 -25.98
N ASN A 229 -6.76 29.09 -26.44
CA ASN A 229 -6.44 28.96 -27.88
C ASN A 229 -6.43 27.47 -28.22
N LEU A 230 -7.21 26.70 -27.47
CA LEU A 230 -7.30 25.23 -27.61
C LEU A 230 -8.40 24.89 -28.61
N SER A 231 -8.43 23.63 -29.04
CA SER A 231 -9.43 23.16 -30.03
C SER A 231 -10.82 23.14 -29.40
N ASP A 232 -11.86 23.23 -30.22
CA ASP A 232 -13.27 23.25 -29.76
C ASP A 232 -13.59 21.93 -29.07
N LYS A 233 -13.08 20.82 -29.58
CA LYS A 233 -13.35 19.53 -28.90
C LYS A 233 -12.71 19.59 -27.51
N VAL A 234 -11.50 20.13 -27.42
CA VAL A 234 -10.75 20.21 -26.14
C VAL A 234 -11.50 21.14 -25.18
N LYS A 235 -11.94 22.29 -25.68
CA LYS A 235 -12.66 23.25 -24.83
C LYS A 235 -13.89 22.57 -24.23
N GLY A 236 -14.64 21.85 -25.04
CA GLY A 236 -15.84 21.17 -24.51
C GLY A 236 -15.47 20.12 -23.49
N ASN A 237 -14.37 19.41 -23.71
CA ASN A 237 -13.88 18.37 -22.80
C ASN A 237 -13.57 19.01 -21.44
N ILE A 238 -12.88 20.13 -21.47
CA ILE A 238 -12.54 20.83 -20.21
C ILE A 238 -13.82 21.22 -19.48
N LYS A 239 -14.82 21.72 -20.21
CA LYS A 239 -16.09 22.14 -19.58
C LYS A 239 -16.78 20.95 -18.93
N LYS A 240 -16.73 19.79 -19.55
CA LYS A 240 -17.34 18.59 -18.94
C LYS A 240 -16.67 18.30 -17.60
N SER A 241 -15.34 18.39 -17.54
CA SER A 241 -14.62 18.10 -16.29
C SER A 241 -14.84 19.22 -15.28
N LEU A 242 -14.91 20.47 -15.74
CA LEU A 242 -15.15 21.61 -14.83
C LEU A 242 -16.49 21.39 -14.13
N SER A 243 -17.48 20.97 -14.87
CA SER A 243 -18.83 20.76 -14.32
C SER A 243 -18.78 19.64 -13.25
N LYS A 244 -18.04 18.57 -13.54
CA LYS A 244 -17.87 17.46 -12.57
C LYS A 244 -17.09 17.96 -11.35
N PHE A 245 -16.13 18.84 -11.57
CA PHE A 245 -15.29 19.40 -10.47
C PHE A 245 -16.19 20.17 -9.49
N ASN A 246 -17.07 21.00 -10.02
CA ASN A 246 -18.03 21.74 -9.17
C ASN A 246 -18.95 20.76 -8.46
N ASP A 247 -19.34 19.68 -9.13
CA ASP A 247 -20.22 18.66 -8.51
C ASP A 247 -19.50 18.08 -7.30
N LEU A 248 -18.23 17.75 -7.44
CA LEU A 248 -17.44 17.19 -6.33
C LEU A 248 -17.32 18.20 -5.19
N LEU A 249 -17.12 19.48 -5.50
CA LEU A 249 -17.01 20.51 -4.45
C LEU A 249 -18.33 20.61 -3.68
N LYS A 250 -19.46 20.51 -4.39
CA LYS A 250 -20.80 20.63 -3.80
C LYS A 250 -21.10 19.49 -2.81
N THR A 251 -20.50 18.32 -3.01
CA THR A 251 -20.80 17.18 -2.11
C THR A 251 -20.31 17.44 -0.69
N LYS A 252 -19.17 18.12 -0.56
CA LYS A 252 -18.47 18.41 0.72
C LYS A 252 -17.69 17.17 1.18
N ARG A 253 -17.68 16.12 0.37
CA ARG A 253 -17.04 14.81 0.63
C ARG A 253 -15.51 14.89 0.63
N LEU A 254 -14.94 15.98 0.09
CA LEU A 254 -13.47 16.17 0.05
C LEU A 254 -12.90 16.28 1.46
N GLY A 255 -13.76 16.62 2.42
CA GLY A 255 -13.38 16.74 3.83
C GLY A 255 -12.93 15.42 4.41
N TYR A 256 -13.37 14.33 3.78
CA TYR A 256 -13.01 12.97 4.23
C TYR A 256 -11.50 12.79 4.11
N PHE A 257 -10.92 13.41 3.10
CA PHE A 257 -9.48 13.31 2.75
C PHE A 257 -8.66 14.37 3.47
N GLY A 258 -9.28 15.17 4.32
CA GLY A 258 -8.53 16.26 4.95
C GLY A 258 -8.49 17.48 4.05
N LEU A 259 -9.25 17.48 2.95
CA LEU A 259 -9.37 18.64 2.04
C LEU A 259 -10.64 19.42 2.38
N GLU A 260 -10.60 20.13 3.49
CA GLU A 260 -11.70 20.97 4.00
C GLU A 260 -11.78 22.28 3.22
N GLU A 261 -12.97 22.68 2.78
CA GLU A 261 -13.14 24.00 2.14
C GLU A 261 -12.95 25.06 3.23
N PRO A 262 -12.57 26.31 2.91
CA PRO A 262 -12.39 27.34 3.94
C PRO A 262 -13.68 27.67 4.69
N LYS A 263 -13.54 28.08 5.94
CA LYS A 263 -14.69 28.49 6.77
C LYS A 263 -15.34 29.76 6.21
N THR A 264 -14.52 30.71 5.77
CA THR A 264 -15.02 31.98 5.18
C THR A 264 -15.56 31.74 3.77
N LYS A 265 -16.46 32.61 3.32
CA LYS A 265 -17.03 32.51 1.95
C LYS A 265 -16.35 33.53 1.03
N ASP A 266 -15.26 34.08 1.52
CA ASP A 266 -14.45 35.07 0.79
C ASP A 266 -14.04 34.45 -0.55
N THR A 267 -14.20 35.19 -1.64
CA THR A 267 -13.90 34.70 -2.99
C THR A 267 -12.41 34.33 -3.10
N ARG A 268 -11.53 35.14 -2.56
CA ARG A 268 -10.08 34.88 -2.68
C ARG A 268 -9.72 33.54 -2.04
N ALA A 269 -10.17 33.29 -0.81
CA ALA A 269 -9.85 32.03 -0.09
C ALA A 269 -10.45 30.84 -0.82
N SER A 270 -11.66 30.99 -1.34
CA SER A 270 -12.37 29.91 -2.04
C SER A 270 -11.59 29.49 -3.29
N GLU A 271 -11.17 30.47 -4.10
CA GLU A 271 -10.41 30.18 -5.33
C GLU A 271 -9.06 29.54 -4.98
N ALA A 272 -8.41 29.99 -3.92
CA ALA A 272 -7.11 29.39 -3.58
C ALA A 272 -7.31 27.91 -3.24
N TYR A 273 -8.36 27.59 -2.48
CA TYR A 273 -8.64 26.19 -2.11
C TYR A 273 -8.97 25.37 -3.37
N LYS A 274 -9.83 25.89 -4.23
CA LYS A 274 -10.23 25.14 -5.45
C LYS A 274 -9.02 24.90 -6.35
N LYS A 275 -8.13 25.87 -6.45
CA LYS A 275 -6.92 25.75 -7.30
C LYS A 275 -6.05 24.60 -6.76
N ARG A 276 -5.89 24.52 -5.45
CA ARG A 276 -5.08 23.44 -4.83
C ARG A 276 -5.74 22.08 -5.14
N VAL A 277 -7.04 21.98 -5.00
CA VAL A 277 -7.77 20.71 -5.27
C VAL A 277 -7.60 20.35 -6.75
N TYR A 278 -7.73 21.34 -7.62
CA TYR A 278 -7.57 21.10 -9.06
C TYR A 278 -6.17 20.54 -9.35
N HIS A 279 -5.15 21.14 -8.75
CA HIS A 279 -3.76 20.68 -8.99
C HIS A 279 -3.60 19.23 -8.55
N MET A 280 -4.19 18.88 -7.41
CA MET A 280 -4.08 17.49 -6.90
C MET A 280 -4.75 16.54 -7.88
N LEU A 281 -5.96 16.85 -8.33
CA LEU A 281 -6.69 15.96 -9.26
C LEU A 281 -5.98 15.86 -10.60
N ALA A 282 -5.51 16.99 -11.13
CA ALA A 282 -4.81 17.00 -12.42
C ALA A 282 -3.53 16.16 -12.31
N ILE A 283 -2.82 16.24 -11.21
CA ILE A 283 -1.58 15.43 -11.04
C ILE A 283 -1.95 13.94 -11.01
N VAL A 284 -3.02 13.59 -10.30
CA VAL A 284 -3.46 12.17 -10.24
C VAL A 284 -3.81 11.73 -11.66
N GLY A 285 -4.49 12.58 -12.42
CA GLY A 285 -4.85 12.24 -13.80
C GLY A 285 -3.62 12.04 -14.67
N GLN A 286 -2.62 12.88 -14.49
CA GLN A 286 -1.37 12.79 -15.27
C GLN A 286 -0.67 11.46 -14.98
N ILE A 287 -0.62 11.06 -13.71
CA ILE A 287 0.03 9.77 -13.35
C ILE A 287 -0.75 8.64 -14.01
N ALA A 288 -2.07 8.73 -14.02
CA ALA A 288 -2.92 7.69 -14.64
C ALA A 288 -2.59 7.57 -16.13
N GLN A 289 -2.32 8.69 -16.78
CA GLN A 289 -2.00 8.73 -18.23
C GLN A 289 -0.62 8.15 -18.51
N CYS A 290 0.21 8.02 -17.49
CA CYS A 290 1.57 7.48 -17.65
C CYS A 290 1.64 5.98 -17.39
N VAL A 291 0.70 5.42 -16.63
CA VAL A 291 0.76 3.98 -16.31
C VAL A 291 -0.35 3.19 -17.02
N PHE A 292 -1.23 3.88 -17.73
CA PHE A 292 -2.32 3.23 -18.51
C PHE A 292 -2.35 3.82 -19.91
N HIS A 293 -2.78 3.05 -20.89
CA HIS A 293 -2.81 3.58 -22.27
C HIS A 293 -4.18 4.18 -22.60
N ASP A 294 -4.18 5.10 -23.55
CA ASP A 294 -5.44 5.73 -24.00
C ASP A 294 -6.13 4.82 -25.03
N LYS A 295 -7.19 5.32 -25.65
CA LYS A 295 -8.01 4.56 -26.63
C LYS A 295 -7.14 4.12 -27.80
N SER A 296 -6.17 4.94 -28.18
CA SER A 296 -5.30 4.67 -29.33
C SER A 296 -4.09 3.83 -28.96
N GLY A 297 -3.97 3.40 -27.70
CA GLY A 297 -2.83 2.57 -27.30
C GLY A 297 -1.60 3.38 -26.94
N ALA A 298 -1.77 4.66 -26.64
CA ALA A 298 -0.64 5.54 -26.30
C ALA A 298 -0.63 5.91 -24.81
N LYS A 299 0.55 6.16 -24.27
CA LYS A 299 0.69 6.57 -22.86
C LYS A 299 1.76 7.66 -22.78
N ARG A 300 1.70 8.49 -21.74
CA ARG A 300 2.70 9.57 -21.60
C ARG A 300 4.02 8.98 -21.10
N PHE A 301 5.13 9.59 -21.48
CA PHE A 301 6.48 9.10 -21.09
C PHE A 301 7.11 10.02 -20.05
N ASP A 302 6.36 10.96 -19.50
CA ASP A 302 6.92 11.99 -18.60
C ASP A 302 6.56 11.78 -17.13
N LEU A 303 6.37 10.54 -16.70
CA LEU A 303 5.97 10.25 -15.29
C LEU A 303 7.01 10.82 -14.33
N TYR A 304 8.28 10.67 -14.64
CA TYR A 304 9.33 11.07 -13.70
C TYR A 304 9.82 12.51 -13.89
N SER A 305 9.45 13.16 -14.98
CA SER A 305 9.95 14.53 -15.23
C SER A 305 8.86 15.59 -15.19
N PHE A 306 7.60 15.21 -15.37
CA PHE A 306 6.51 16.19 -15.55
C PHE A 306 6.38 17.17 -14.39
N ILE A 307 6.59 16.73 -13.16
CA ILE A 307 6.34 17.62 -11.99
C ILE A 307 7.27 18.83 -12.03
N ASN A 308 8.46 18.66 -12.58
CA ASN A 308 9.44 19.77 -12.66
C ASN A 308 9.28 20.57 -13.96
N ASN A 309 8.46 20.09 -14.89
CA ASN A 309 8.30 20.75 -16.21
C ASN A 309 6.97 21.48 -16.37
N ILE A 310 5.97 21.17 -15.56
CA ILE A 310 4.63 21.83 -15.68
C ILE A 310 4.68 23.21 -15.04
N ASP A 311 3.57 23.93 -15.10
CA ASP A 311 3.56 25.33 -14.60
C ASP A 311 3.97 25.34 -13.13
N PRO A 312 4.70 26.36 -12.66
CA PRO A 312 5.16 26.44 -11.30
C PRO A 312 4.03 26.50 -10.25
N GLU A 313 2.82 26.84 -10.69
CA GLU A 313 1.68 26.92 -9.75
C GLU A 313 1.43 25.53 -9.13
N TYR A 314 1.63 24.48 -9.89
CA TYR A 314 1.43 23.11 -9.36
C TYR A 314 2.42 22.85 -8.23
N ARG A 315 3.66 23.27 -8.42
CA ARG A 315 4.72 23.10 -7.42
C ARG A 315 4.39 23.90 -6.16
N ASP A 316 3.74 25.05 -6.33
CA ASP A 316 3.33 25.86 -5.17
C ASP A 316 2.33 25.08 -4.33
N THR A 317 1.41 24.37 -4.99
CA THR A 317 0.42 23.56 -4.24
C THR A 317 1.15 22.46 -3.47
N LEU A 318 2.09 21.78 -4.10
CA LEU A 318 2.81 20.68 -3.42
C LEU A 318 3.55 21.24 -2.20
N ASP A 319 4.19 22.39 -2.36
CA ASP A 319 4.89 23.02 -1.21
C ASP A 319 3.91 23.41 -0.12
N TYR A 320 2.75 23.91 -0.51
CA TYR A 320 1.77 24.36 0.49
C TYR A 320 1.33 23.18 1.36
N LEU A 321 1.02 22.05 0.74
CA LEU A 321 0.55 20.89 1.52
C LEU A 321 1.63 20.39 2.46
N VAL A 322 2.85 20.17 1.95
CA VAL A 322 3.95 19.65 2.82
C VAL A 322 4.34 20.65 3.90
N GLU A 323 4.38 21.93 3.56
CA GLU A 323 4.75 22.99 4.53
C GLU A 323 3.72 22.98 5.67
N GLU A 324 2.46 22.81 5.33
CA GLU A 324 1.42 22.81 6.38
C GLU A 324 1.65 21.66 7.34
N ARG A 325 1.93 20.47 6.84
CA ARG A 325 2.19 19.31 7.72
C ARG A 325 3.47 19.50 8.52
N LEU A 326 4.56 19.89 7.87
CA LEU A 326 5.87 20.06 8.53
C LEU A 326 5.83 21.20 9.55
N LYS A 327 5.19 22.30 9.21
CA LYS A 327 5.11 23.44 10.14
C LYS A 327 4.34 23.04 11.39
N SER A 328 3.26 22.27 11.26
CA SER A 328 2.54 21.86 12.50
C SER A 328 3.41 20.98 13.40
N ILE A 329 4.16 20.04 12.84
CA ILE A 329 5.07 19.21 13.67
C ILE A 329 6.23 20.04 14.24
N ASN A 330 6.87 20.81 13.38
CA ASN A 330 8.09 21.61 13.68
C ASN A 330 7.85 22.78 14.63
N LYS A 331 6.71 23.45 14.54
CA LYS A 331 6.54 24.67 15.36
C LYS A 331 6.47 24.29 16.85
N ASP A 332 7.41 24.82 17.64
CA ASP A 332 7.39 24.55 19.09
C ASP A 332 7.37 23.04 19.36
N PHE A 333 8.24 22.30 18.70
CA PHE A 333 8.27 20.83 18.88
C PHE A 333 8.60 20.45 20.33
N ILE A 334 9.55 21.15 20.94
CA ILE A 334 9.95 20.77 22.33
C ILE A 334 8.77 20.99 23.28
N GLU A 335 8.11 22.14 23.21
CA GLU A 335 6.96 22.40 24.09
C GLU A 335 5.84 21.40 23.77
N GLY A 336 5.66 21.08 22.51
CA GLY A 336 4.63 20.12 22.07
C GLY A 336 4.91 18.72 22.57
N ASN A 337 6.15 18.41 22.89
CA ASN A 337 6.57 17.05 23.31
C ASN A 337 7.20 17.09 24.70
N LYS A 338 6.84 18.10 25.49
CA LYS A 338 7.47 18.36 26.82
C LYS A 338 7.25 17.21 27.80
N VAL A 339 6.12 16.55 27.77
CA VAL A 339 5.94 15.50 28.79
C VAL A 339 6.96 14.38 28.58
N ASN A 340 7.03 13.81 27.39
CA ASN A 340 8.00 12.73 27.15
C ASN A 340 9.44 13.25 27.28
N ILE A 341 9.70 14.44 26.75
CA ILE A 341 11.09 14.95 26.79
C ILE A 341 11.53 15.14 28.25
N SER A 342 10.67 15.68 29.10
CA SER A 342 11.04 15.89 30.52
C SER A 342 11.34 14.55 31.20
N LEU A 343 10.46 13.58 31.01
CA LEU A 343 10.63 12.26 31.63
C LEU A 343 11.95 11.65 31.18
N LEU A 344 12.26 11.73 29.89
CA LEU A 344 13.48 11.12 29.33
C LEU A 344 14.75 11.79 29.86
N ILE A 345 14.72 13.12 29.96
CA ILE A 345 15.90 13.85 30.47
C ILE A 345 16.16 13.42 31.92
N ASP A 346 15.12 13.33 32.73
CA ASP A 346 15.32 12.90 34.13
C ASP A 346 15.86 11.47 34.17
N MET A 347 15.30 10.59 33.37
CA MET A 347 15.65 9.14 33.29
C MET A 347 17.00 8.84 32.64
N MET A 348 17.37 9.48 31.55
CA MET A 348 18.62 9.09 30.84
C MET A 348 19.83 9.88 31.33
N LYS A 349 20.44 9.37 32.40
CA LYS A 349 21.58 9.98 33.13
C LYS A 349 22.84 10.14 32.29
N GLY A 350 23.12 9.22 31.38
CA GLY A 350 24.38 9.31 30.63
C GLY A 350 24.33 10.25 29.44
N TYR A 351 23.22 10.94 29.22
CA TYR A 351 23.07 11.76 28.01
C TYR A 351 22.83 13.23 28.36
N GLU A 352 23.32 14.14 27.51
CA GLU A 352 23.05 15.58 27.64
C GLU A 352 21.62 15.85 27.18
N ALA A 353 20.96 16.83 27.80
CA ALA A 353 19.55 17.14 27.47
C ALA A 353 19.39 17.53 26.00
N ASP A 354 20.32 18.30 25.47
CA ASP A 354 20.24 18.74 24.05
C ASP A 354 20.31 17.52 23.14
N ASP A 355 21.15 16.56 23.48
CA ASP A 355 21.30 15.32 22.69
C ASP A 355 19.99 14.54 22.71
N ILE A 356 19.36 14.45 23.88
CA ILE A 356 18.09 13.72 24.01
C ILE A 356 17.03 14.39 23.15
N ILE A 357 16.99 15.72 23.16
CA ILE A 357 15.97 16.45 22.37
C ILE A 357 16.18 16.17 20.88
N ARG A 358 17.42 16.19 20.42
CA ARG A 358 17.70 15.92 18.99
C ARG A 358 17.31 14.47 18.66
N LEU A 359 17.65 13.53 19.54
CA LEU A 359 17.30 12.12 19.30
C LEU A 359 15.78 11.95 19.28
N TYR A 360 15.08 12.64 20.16
CA TYR A 360 13.60 12.54 20.22
C TYR A 360 12.97 13.08 18.94
N TYR A 361 13.51 14.16 18.41
CA TYR A 361 12.98 14.70 17.14
C TYR A 361 13.19 13.62 16.07
N ASP A 362 14.34 12.97 16.10
CA ASP A 362 14.64 11.90 15.12
C ASP A 362 13.63 10.77 15.30
N PHE A 363 13.39 10.38 16.54
CA PHE A 363 12.49 9.26 16.84
C PHE A 363 11.08 9.55 16.31
N ILE A 364 10.58 10.77 16.46
CA ILE A 364 9.23 11.12 15.96
C ILE A 364 9.16 11.31 14.44
N VAL A 365 10.03 12.14 13.88
CA VAL A 365 9.93 12.55 12.46
C VAL A 365 10.76 11.70 11.50
N LEU A 366 12.01 11.43 11.85
CA LEU A 366 12.90 10.61 10.98
C LEU A 366 12.67 9.12 11.21
N LYS A 367 12.28 8.75 12.42
CA LYS A 367 12.03 7.34 12.78
C LYS A 367 13.23 6.47 12.41
N SER A 368 14.40 6.87 12.89
CA SER A 368 15.68 6.14 12.70
C SER A 368 15.62 4.76 13.36
N GLN A 369 14.72 4.59 14.32
CA GLN A 369 14.51 3.29 15.02
C GLN A 369 13.95 2.26 14.05
N LYS A 370 13.41 2.72 12.91
CA LYS A 370 12.80 1.84 11.89
C LYS A 370 13.81 1.52 10.78
N ASN A 371 15.05 1.97 10.97
CA ASN A 371 16.14 1.69 10.02
C ASN A 371 17.32 0.99 10.71
N LEU A 372 17.06 0.28 11.80
CA LEU A 372 18.07 -0.44 12.62
C LEU A 372 18.40 -1.85 12.07
N GLY A 373 17.51 -2.47 11.30
CA GLY A 373 17.74 -3.85 10.82
C GLY A 373 17.06 -4.89 11.70
N PHE A 374 16.28 -4.44 12.66
CA PHE A 374 15.46 -5.31 13.53
C PHE A 374 14.30 -4.47 14.09
N SER A 375 13.29 -5.13 14.62
CA SER A 375 12.09 -4.43 15.10
C SER A 375 12.22 -4.05 16.57
N ILE A 376 12.25 -2.76 16.85
CA ILE A 376 12.28 -2.26 18.25
C ILE A 376 10.96 -2.64 18.92
N LYS A 377 9.86 -2.49 18.20
CA LYS A 377 8.52 -2.83 18.74
C LYS A 377 8.48 -4.31 19.10
N LYS A 378 9.05 -5.16 18.27
CA LYS A 378 9.01 -6.61 18.59
C LYS A 378 9.80 -6.88 19.86
N LEU A 379 10.94 -6.22 20.04
CA LEU A 379 11.74 -6.43 21.27
C LEU A 379 10.93 -5.96 22.47
N ARG A 380 10.33 -4.77 22.38
CA ARG A 380 9.51 -4.24 23.50
C ARG A 380 8.33 -5.19 23.75
N GLU A 381 7.69 -5.68 22.70
CA GLU A 381 6.55 -6.60 22.88
C GLU A 381 7.00 -7.88 23.60
N LYS A 382 8.15 -8.43 23.22
CA LYS A 382 8.65 -9.65 23.90
C LYS A 382 8.97 -9.34 25.36
N MET A 383 9.54 -8.18 25.64
CA MET A 383 9.89 -7.82 27.03
C MET A 383 8.61 -7.76 27.86
N LEU A 384 7.58 -7.13 27.34
CA LEU A 384 6.30 -7.03 28.07
C LEU A 384 5.61 -8.37 28.21
N GLU A 385 5.69 -9.23 27.19
CA GLU A 385 5.00 -10.54 27.28
C GLU A 385 5.58 -11.41 28.39
N GLU A 386 6.89 -11.62 28.35
CA GLU A 386 7.59 -12.44 29.35
C GLU A 386 7.75 -11.80 30.72
N TYR A 387 8.12 -10.53 30.79
CA TYR A 387 8.47 -9.97 32.12
C TYR A 387 7.65 -8.78 32.57
N GLY A 388 7.10 -8.00 31.66
CA GLY A 388 6.39 -6.78 32.05
C GLY A 388 4.92 -6.88 31.76
N PHE A 389 4.35 -8.07 31.92
CA PHE A 389 2.94 -8.36 31.57
C PHE A 389 1.97 -7.48 32.37
N ARG A 390 2.40 -7.01 33.53
CA ARG A 390 1.60 -6.14 34.42
C ARG A 390 1.30 -4.81 33.70
N PHE A 391 2.23 -4.36 32.87
CA PHE A 391 2.12 -3.09 32.09
C PHE A 391 1.10 -3.23 30.97
N LYS A 392 0.68 -4.47 30.71
CA LYS A 392 -0.31 -4.78 29.65
C LYS A 392 -1.72 -4.74 30.23
N ASP A 393 -1.81 -4.38 31.50
CA ASP A 393 -3.06 -4.30 32.27
C ASP A 393 -3.92 -3.16 31.73
N LYS A 394 -5.23 -3.28 32.00
CA LYS A 394 -6.34 -2.40 31.58
C LYS A 394 -6.12 -0.98 32.06
N GLN A 395 -5.49 -0.79 33.21
CA GLN A 395 -5.31 0.57 33.77
C GLN A 395 -4.44 1.44 32.87
N TYR A 396 -3.61 0.83 32.03
CA TYR A 396 -2.68 1.62 31.18
C TYR A 396 -3.25 1.85 29.78
N ASP A 397 -4.49 1.47 29.53
CA ASP A 397 -5.02 1.60 28.15
C ASP A 397 -5.02 3.06 27.70
N SER A 398 -5.44 3.99 28.55
CA SER A 398 -5.51 5.41 28.14
C SER A 398 -4.12 6.00 27.85
N VAL A 399 -3.07 5.48 28.46
CA VAL A 399 -1.71 6.05 28.28
C VAL A 399 -0.78 5.10 27.53
N ARG A 400 -1.31 4.03 26.94
CA ARG A 400 -0.42 3.01 26.35
C ARG A 400 0.46 3.56 25.23
N SER A 401 -0.06 4.41 24.35
CA SER A 401 0.78 4.92 23.25
C SER A 401 1.95 5.73 23.81
N LYS A 402 1.69 6.57 24.80
CA LYS A 402 2.78 7.38 25.39
C LYS A 402 3.77 6.44 26.07
N MET A 403 3.28 5.45 26.78
CA MET A 403 4.16 4.52 27.52
C MET A 403 5.06 3.76 26.55
N TYR A 404 4.49 3.29 25.44
CA TYR A 404 5.27 2.56 24.41
C TYR A 404 6.33 3.45 23.76
N LYS A 405 6.00 4.72 23.52
CA LYS A 405 6.99 5.63 22.90
C LYS A 405 8.19 5.77 23.82
N LEU A 406 7.94 5.95 25.11
CA LEU A 406 9.04 6.09 26.07
C LEU A 406 9.88 4.81 26.11
N MET A 407 9.24 3.65 26.17
CA MET A 407 9.96 2.37 26.21
C MET A 407 10.74 2.16 24.90
N ASP A 408 10.10 2.40 23.76
CA ASP A 408 10.74 2.25 22.44
C ASP A 408 11.93 3.21 22.33
N PHE A 409 11.78 4.43 22.85
CA PHE A 409 12.85 5.43 22.77
C PHE A 409 14.11 4.96 23.52
N LEU A 410 13.94 4.37 24.69
CA LEU A 410 15.10 3.87 25.46
C LEU A 410 15.80 2.78 24.65
N LEU A 411 15.04 1.86 24.09
CA LEU A 411 15.62 0.77 23.27
C LEU A 411 16.31 1.36 22.04
N PHE A 412 15.69 2.34 21.41
CA PHE A 412 16.26 2.96 20.20
C PHE A 412 17.63 3.58 20.52
N CYS A 413 17.70 4.34 21.59
CA CYS A 413 18.97 5.00 21.99
C CYS A 413 20.02 3.95 22.34
N ASN A 414 19.59 2.85 22.92
CA ASN A 414 20.53 1.78 23.31
C ASN A 414 21.26 1.23 22.09
N TYR A 415 20.54 1.00 21.00
CA TYR A 415 21.16 0.42 19.78
C TYR A 415 21.70 1.46 18.82
N TYR A 416 21.14 2.66 18.83
CA TYR A 416 21.54 3.73 17.89
C TYR A 416 22.77 4.49 18.37
N ARG A 417 22.93 4.63 19.68
CA ARG A 417 24.05 5.43 20.21
C ARG A 417 24.93 4.64 21.17
N ASN A 418 24.35 4.14 22.25
CA ASN A 418 25.09 3.46 23.34
C ASN A 418 25.74 2.13 22.96
N ASP A 419 25.03 1.27 22.23
CA ASP A 419 25.57 -0.08 21.95
C ASP A 419 25.32 -0.46 20.49
N VAL A 420 25.98 0.21 19.58
CA VAL A 420 25.82 -0.05 18.13
C VAL A 420 26.27 -1.48 17.81
N ALA A 421 27.31 -1.95 18.49
CA ALA A 421 27.84 -3.31 18.27
C ALA A 421 26.78 -4.35 18.58
N ALA A 422 26.00 -4.14 19.62
CA ALA A 422 24.92 -5.09 20.00
C ALA A 422 23.89 -5.15 18.87
N GLY A 423 23.59 -4.00 18.26
CA GLY A 423 22.65 -3.97 17.13
C GLY A 423 23.19 -4.73 15.94
N GLU A 424 24.47 -4.55 15.63
CA GLU A 424 25.10 -5.25 14.49
C GLU A 424 25.05 -6.76 14.76
N ALA A 425 25.32 -7.16 16.00
CA ALA A 425 25.31 -8.59 16.36
C ALA A 425 23.90 -9.16 16.20
N LEU A 426 22.89 -8.39 16.60
CA LEU A 426 21.49 -8.85 16.49
C LEU A 426 21.12 -9.05 15.01
N VAL A 427 21.49 -8.11 14.16
CA VAL A 427 21.19 -8.25 12.70
C VAL A 427 21.87 -9.51 12.17
N ARG A 428 23.11 -9.74 12.55
CA ARG A 428 23.82 -10.94 12.03
C ARG A 428 23.04 -12.19 12.46
N LYS A 429 22.62 -12.27 13.71
CA LYS A 429 21.90 -13.49 14.16
C LYS A 429 20.61 -13.65 13.37
N LEU A 430 19.87 -12.56 13.16
CA LEU A 430 18.60 -12.62 12.40
C LEU A 430 18.88 -13.04 10.96
N ARG A 431 19.93 -12.50 10.36
CA ARG A 431 20.27 -12.89 8.97
C ARG A 431 20.62 -14.38 8.92
N PHE A 432 21.35 -14.87 9.92
CA PHE A 432 21.77 -16.28 10.02
C PHE A 432 20.59 -17.22 10.27
N SER A 433 19.52 -16.71 10.86
CA SER A 433 18.38 -17.58 11.22
C SER A 433 17.78 -18.23 9.97
N MET A 434 17.39 -19.50 10.08
CA MET A 434 16.86 -20.23 8.90
C MET A 434 15.35 -20.44 8.99
N THR A 435 14.75 -20.17 10.13
CA THR A 435 13.29 -20.39 10.28
C THR A 435 12.67 -19.29 11.12
N ASP A 436 11.35 -19.17 11.02
CA ASP A 436 10.56 -18.16 11.77
C ASP A 436 10.72 -18.45 13.25
N ASP A 437 10.70 -19.71 13.65
CA ASP A 437 10.82 -20.08 15.09
C ASP A 437 12.19 -19.63 15.61
N GLU A 438 13.25 -19.84 14.83
CA GLU A 438 14.60 -19.41 15.25
C GLU A 438 14.60 -17.88 15.41
N LYS A 439 13.97 -17.18 14.48
CA LYS A 439 13.95 -15.70 14.54
C LYS A 439 13.24 -15.24 15.81
N GLU A 440 12.10 -15.86 16.14
CA GLU A 440 11.36 -15.49 17.37
C GLU A 440 12.25 -15.74 18.58
N GLY A 441 13.00 -16.83 18.58
CA GLY A 441 13.91 -17.17 19.68
C GLY A 441 14.99 -16.11 19.83
N ILE A 442 15.49 -15.59 18.72
CA ILE A 442 16.55 -14.54 18.79
C ILE A 442 15.97 -13.28 19.44
N TYR A 443 14.75 -12.90 19.08
CA TYR A 443 14.11 -11.71 19.67
C TYR A 443 13.88 -11.97 21.17
N ALA A 444 13.43 -13.18 21.50
CA ALA A 444 13.18 -13.52 22.91
C ALA A 444 14.48 -13.47 23.72
N ASP A 445 15.57 -14.02 23.21
CA ASP A 445 16.85 -14.00 23.95
C ASP A 445 17.30 -12.54 24.15
N GLU A 446 17.17 -11.72 23.13
CA GLU A 446 17.57 -10.29 23.22
C GLU A 446 16.69 -9.58 24.25
N ALA A 447 15.40 -9.89 24.30
CA ALA A 447 14.46 -9.25 25.24
C ALA A 447 14.88 -9.57 26.68
N ALA A 448 15.36 -10.79 26.90
CA ALA A 448 15.81 -11.20 28.24
C ALA A 448 16.99 -10.34 28.67
N LYS A 449 17.97 -10.13 27.80
CA LYS A 449 19.11 -9.26 28.16
C LYS A 449 18.61 -7.83 28.37
N LEU A 450 17.68 -7.38 27.53
CA LEU A 450 17.16 -6.00 27.63
C LEU A 450 16.42 -5.80 28.95
N TRP A 451 15.69 -6.80 29.41
CA TRP A 451 14.94 -6.66 30.68
C TRP A 451 15.89 -6.42 31.85
N GLY A 452 17.00 -7.13 31.92
CA GLY A 452 17.93 -6.92 33.03
C GLY A 452 18.44 -5.50 33.00
N LYS A 453 18.73 -5.01 31.81
CA LYS A 453 19.22 -3.63 31.64
C LYS A 453 18.16 -2.54 31.88
N PHE A 454 16.93 -2.73 31.40
CA PHE A 454 15.92 -1.63 31.45
C PHE A 454 14.75 -1.88 32.40
N ARG A 455 14.79 -2.92 33.22
CA ARG A 455 13.62 -3.21 34.07
C ARG A 455 13.30 -2.01 34.96
N ASN A 456 14.30 -1.45 35.62
CA ASN A 456 14.03 -0.30 36.53
C ASN A 456 13.51 0.90 35.73
N ASP A 457 14.09 1.13 34.55
CA ASP A 457 13.65 2.26 33.69
C ASP A 457 12.19 2.04 33.28
N PHE A 458 11.83 0.83 32.88
CA PHE A 458 10.44 0.56 32.46
C PHE A 458 9.48 0.76 33.63
N GLU A 459 9.86 0.30 34.81
CA GLU A 459 8.98 0.47 36.00
C GLU A 459 8.82 1.96 36.27
N ASN A 460 9.89 2.72 36.12
CA ASN A 460 9.84 4.18 36.36
C ASN A 460 8.86 4.81 35.38
N ILE A 461 8.91 4.41 34.11
CA ILE A 461 7.99 5.00 33.11
C ILE A 461 6.55 4.67 33.51
N ALA A 462 6.29 3.43 33.88
CA ALA A 462 4.93 2.98 34.25
C ALA A 462 4.41 3.77 35.45
N ASP A 463 5.30 4.12 36.39
CA ASP A 463 4.98 4.92 37.60
C ASP A 463 4.55 6.33 37.20
N HIS A 464 5.03 6.84 36.07
CA HIS A 464 4.66 8.22 35.67
C HIS A 464 3.51 8.21 34.67
N MET A 465 3.07 7.03 34.26
CA MET A 465 2.01 6.94 33.23
C MET A 465 0.62 7.02 33.86
N ASN A 466 0.27 8.22 34.32
CA ASN A 466 -1.07 8.48 34.90
C ASN A 466 -1.44 9.92 34.61
N GLY A 467 -2.73 10.24 34.66
CA GLY A 467 -3.24 11.57 34.35
C GLY A 467 -2.69 12.65 35.26
N ASP A 468 -2.51 12.37 36.55
CA ASP A 468 -2.00 13.44 37.43
C ASP A 468 -0.58 13.86 37.04
N VAL A 469 0.32 12.91 36.87
CA VAL A 469 1.71 13.26 36.46
C VAL A 469 1.69 13.90 35.07
N ILE A 470 0.94 13.33 34.15
CA ILE A 470 0.94 13.87 32.76
C ILE A 470 0.41 15.30 32.76
N LYS A 471 -0.64 15.59 33.52
CA LYS A 471 -1.19 16.97 33.59
C LYS A 471 -0.12 17.88 34.20
N GLU A 472 0.57 17.39 35.21
CA GLU A 472 1.62 18.14 35.92
C GLU A 472 2.76 18.48 34.97
N LEU A 473 3.23 17.49 34.21
CA LEU A 473 4.34 17.70 33.25
C LEU A 473 3.91 18.67 32.15
N GLY A 474 2.64 18.63 31.77
CA GLY A 474 2.11 19.53 30.73
C GLY A 474 2.14 20.99 31.14
N LYS A 475 1.85 21.28 32.41
CA LYS A 475 1.79 22.68 32.92
C LYS A 475 3.16 23.20 33.33
N ALA A 476 4.11 22.31 33.60
CA ALA A 476 5.44 22.70 34.08
C ALA A 476 6.19 23.53 33.03
N ASP A 477 7.05 24.43 33.51
CA ASP A 477 7.85 25.28 32.59
C ASP A 477 8.86 24.40 31.87
N MET A 478 9.04 24.61 30.57
CA MET A 478 10.09 23.86 29.86
C MET A 478 11.08 24.90 29.32
N ASP A 479 12.18 25.08 30.04
CA ASP A 479 13.17 26.10 29.63
C ASP A 479 14.19 25.50 28.66
N PHE A 480 13.77 25.20 27.45
CA PHE A 480 14.70 24.71 26.41
C PHE A 480 14.45 25.57 25.16
N ASP A 481 15.52 25.99 24.51
CA ASP A 481 15.38 26.82 23.31
C ASP A 481 14.95 25.92 22.15
N GLU A 482 13.93 26.34 21.43
CA GLU A 482 13.37 25.63 20.26
C GLU A 482 14.43 25.59 19.14
N LYS A 483 15.36 26.54 19.16
CA LYS A 483 16.42 26.70 18.13
C LYS A 483 17.44 25.57 18.19
N ILE A 484 17.37 24.75 19.24
CA ILE A 484 18.29 23.60 19.44
C ILE A 484 18.12 22.62 18.26
N LEU A 485 16.91 22.57 17.72
CA LEU A 485 16.54 21.62 16.64
C LEU A 485 16.69 22.22 15.26
N ASP A 486 17.23 23.43 15.14
CA ASP A 486 17.30 24.07 13.80
C ASP A 486 18.09 23.20 12.83
N SER A 487 19.14 22.55 13.32
CA SER A 487 19.98 21.68 12.45
C SER A 487 19.28 20.36 12.09
N GLU A 488 18.32 19.90 12.89
CA GLU A 488 17.67 18.58 12.66
C GLU A 488 16.34 18.69 11.91
N LYS A 489 15.68 19.85 12.00
CA LYS A 489 14.33 20.01 11.43
C LYS A 489 14.30 19.76 9.93
N LYS A 490 13.24 19.08 9.49
CA LYS A 490 13.00 18.80 8.06
C LYS A 490 12.02 19.85 7.55
N ASN A 491 12.34 20.49 6.45
CA ASN A 491 11.52 21.55 5.84
C ASN A 491 11.12 21.16 4.42
N ALA A 492 10.08 21.80 3.88
CA ALA A 492 9.54 21.51 2.54
C ALA A 492 10.61 21.75 1.48
N SER A 493 11.45 22.77 1.69
CA SER A 493 12.53 23.11 0.73
C SER A 493 13.56 21.99 0.67
N ASP A 494 13.61 21.13 1.68
CA ASP A 494 14.62 20.05 1.74
C ASP A 494 14.22 18.85 0.87
N LEU A 495 13.01 18.82 0.34
CA LEU A 495 12.53 17.62 -0.40
C LEU A 495 12.43 17.89 -1.91
N LEU A 496 12.61 16.86 -2.71
CA LEU A 496 12.41 16.95 -4.18
C LEU A 496 10.92 17.03 -4.46
N TYR A 497 10.54 17.57 -5.62
CA TYR A 497 9.13 17.68 -6.02
C TYR A 497 8.52 16.28 -6.17
N PHE A 498 9.32 15.33 -6.62
CA PHE A 498 8.77 13.96 -6.78
C PHE A 498 8.30 13.44 -5.42
N SER A 499 9.11 13.65 -4.38
CA SER A 499 8.78 13.21 -3.00
C SER A 499 7.53 13.95 -2.51
N LYS A 500 7.46 15.24 -2.77
CA LYS A 500 6.30 16.06 -2.37
C LYS A 500 5.05 15.59 -3.12
N MET A 501 5.21 15.16 -4.35
CA MET A 501 4.08 14.66 -5.15
C MET A 501 3.54 13.39 -4.50
N ILE A 502 4.44 12.51 -4.05
CA ILE A 502 4.01 11.28 -3.35
C ILE A 502 3.31 11.65 -2.05
N TYR A 503 3.80 12.65 -1.34
CA TYR A 503 3.13 13.08 -0.09
C TYR A 503 1.71 13.54 -0.41
N MET A 504 1.54 14.24 -1.52
CA MET A 504 0.22 14.78 -1.93
C MET A 504 -0.75 13.62 -2.16
N LEU A 505 -0.29 12.52 -2.75
CA LEU A 505 -1.10 11.32 -3.05
C LEU A 505 -1.66 10.72 -1.77
N THR A 506 -0.92 10.85 -0.66
CA THR A 506 -1.33 10.24 0.64
C THR A 506 -2.61 10.83 1.20
N TYR A 507 -3.02 12.00 0.72
CA TYR A 507 -4.29 12.63 1.18
C TYR A 507 -5.47 11.70 0.85
N PHE A 508 -5.35 10.98 -0.26
CA PHE A 508 -6.45 10.12 -0.76
C PHE A 508 -6.35 8.70 -0.20
N LEU A 509 -5.38 8.44 0.66
CA LEU A 509 -5.13 7.05 1.11
C LEU A 509 -5.30 6.84 2.61
N ASP A 510 -5.68 5.62 2.95
CA ASP A 510 -5.79 5.10 4.33
C ASP A 510 -4.38 4.78 4.83
N GLY A 511 -4.20 4.60 6.14
CA GLY A 511 -2.87 4.33 6.67
C GLY A 511 -2.28 3.06 6.07
N LYS A 512 -3.07 2.02 5.88
CA LYS A 512 -2.54 0.77 5.28
C LYS A 512 -2.11 1.02 3.83
N GLU A 513 -2.90 1.79 3.10
CA GLU A 513 -2.58 2.12 1.70
C GLU A 513 -1.29 2.93 1.67
N ILE A 514 -1.14 3.87 2.58
CA ILE A 514 0.10 4.69 2.64
C ILE A 514 1.27 3.75 2.91
N ASN A 515 1.12 2.83 3.86
CA ASN A 515 2.23 1.91 4.21
C ASN A 515 2.58 1.05 3.02
N ASP A 516 1.58 0.49 2.35
CA ASP A 516 1.85 -0.38 1.20
C ASP A 516 2.53 0.39 0.07
N LEU A 517 1.99 1.53 -0.33
CA LEU A 517 2.61 2.30 -1.43
C LEU A 517 4.01 2.79 -1.04
N LEU A 518 4.12 3.43 0.11
CA LEU A 518 5.44 4.01 0.51
C LEU A 518 6.49 2.94 0.73
N THR A 519 6.18 1.87 1.47
CA THR A 519 7.23 0.86 1.68
C THR A 519 7.68 0.27 0.34
N THR A 520 6.74 0.04 -0.56
CA THR A 520 7.12 -0.50 -1.89
C THR A 520 8.02 0.50 -2.64
N LEU A 521 7.62 1.78 -2.69
CA LEU A 521 8.45 2.78 -3.40
C LEU A 521 9.82 2.87 -2.73
N ILE A 522 9.88 2.88 -1.42
CA ILE A 522 11.17 3.04 -0.72
C ILE A 522 12.09 1.87 -1.07
N SER A 523 11.54 0.68 -1.05
CA SER A 523 12.34 -0.52 -1.38
C SER A 523 12.88 -0.45 -2.82
N LYS A 524 12.03 -0.08 -3.77
CA LYS A 524 12.47 -0.03 -5.18
C LYS A 524 13.53 1.05 -5.40
N PHE A 525 13.34 2.24 -4.84
CA PHE A 525 14.37 3.29 -5.01
C PHE A 525 15.68 2.87 -4.35
N ASP A 526 15.60 2.20 -3.21
CA ASP A 526 16.80 1.74 -2.49
C ASP A 526 17.55 0.74 -3.37
N ASN A 527 16.83 -0.16 -4.02
CA ASN A 527 17.46 -1.15 -4.92
C ASN A 527 18.09 -0.45 -6.12
N ILE A 528 17.37 0.49 -6.70
CA ILE A 528 17.88 1.22 -7.90
C ILE A 528 19.15 1.96 -7.51
N LYS A 529 19.16 2.61 -6.36
CA LYS A 529 20.38 3.35 -5.95
C LYS A 529 21.55 2.37 -5.79
N GLU A 530 21.30 1.19 -5.24
CA GLU A 530 22.37 0.18 -5.05
C GLU A 530 22.87 -0.34 -6.40
N PHE A 531 21.98 -0.62 -7.35
CA PHE A 531 22.43 -1.12 -8.67
C PHE A 531 23.28 -0.05 -9.37
N LEU A 532 22.90 1.22 -9.29
CA LEU A 532 23.71 2.28 -9.94
C LEU A 532 25.08 2.33 -9.27
N LYS A 533 25.11 2.27 -7.95
CA LYS A 533 26.39 2.31 -7.20
C LYS A 533 27.29 1.15 -7.62
N ILE A 534 26.74 -0.05 -7.79
CA ILE A 534 27.56 -1.22 -8.20
C ILE A 534 28.09 -0.99 -9.61
N MET A 535 27.23 -0.59 -10.53
CA MET A 535 27.65 -0.39 -11.94
C MET A 535 28.72 0.69 -12.06
N LYS A 536 28.67 1.71 -11.20
CA LYS A 536 29.62 2.84 -11.25
C LYS A 536 30.89 2.53 -10.48
N SER A 537 30.96 1.35 -9.86
CA SER A 537 32.14 0.94 -9.05
C SER A 537 33.38 0.80 -9.94
N SER A 538 34.56 0.95 -9.36
CA SER A 538 35.83 0.78 -10.12
C SER A 538 35.90 -0.64 -10.64
N ALA A 539 35.52 -1.60 -9.80
CA ALA A 539 35.59 -3.03 -10.17
C ALA A 539 34.64 -3.37 -11.31
N VAL A 540 33.40 -2.88 -11.29
CA VAL A 540 32.45 -3.24 -12.36
C VAL A 540 32.58 -2.28 -13.53
N ASP A 541 32.43 -0.99 -13.25
CA ASP A 541 32.68 0.08 -14.25
C ASP A 541 31.96 -0.17 -15.57
N VAL A 542 30.65 -0.33 -15.56
CA VAL A 542 29.90 -0.50 -16.84
C VAL A 542 29.10 0.78 -17.06
N GLU A 543 28.86 1.12 -18.32
CA GLU A 543 28.09 2.34 -18.67
C GLU A 543 26.67 2.18 -18.17
N CYS A 544 26.12 3.19 -17.53
CA CYS A 544 24.72 3.14 -17.07
C CYS A 544 24.14 4.55 -17.11
N GLU A 545 24.14 5.16 -18.29
CA GLU A 545 23.58 6.52 -18.42
C GLU A 545 22.09 6.35 -18.72
N LEU A 546 21.24 6.76 -17.80
CA LEU A 546 19.80 6.63 -18.01
C LEU A 546 19.40 7.62 -19.09
N THR A 547 18.39 7.28 -19.87
CA THR A 547 17.84 8.15 -20.94
C THR A 547 17.10 9.32 -20.30
N ALA A 548 16.74 10.32 -21.11
CA ALA A 548 16.24 11.61 -20.62
C ALA A 548 15.00 11.46 -19.73
N GLY A 549 14.10 10.56 -20.06
CA GLY A 549 12.88 10.39 -19.25
C GLY A 549 13.14 9.85 -17.85
N TYR A 550 14.29 9.23 -17.63
CA TYR A 550 14.59 8.51 -16.37
C TYR A 550 15.72 9.11 -15.55
N LYS A 551 16.06 10.37 -15.81
CA LYS A 551 17.17 11.07 -15.12
C LYS A 551 16.90 11.20 -13.61
N LEU A 552 15.64 11.14 -13.22
CA LEU A 552 15.25 11.27 -11.80
C LEU A 552 15.91 10.17 -10.98
N PHE A 553 16.08 8.98 -11.56
CA PHE A 553 16.62 7.78 -10.87
C PHE A 553 18.09 7.97 -10.44
N ASN A 554 18.75 8.98 -11.01
CA ASN A 554 20.14 9.28 -10.57
C ASN A 554 20.10 9.78 -9.12
N ASP A 555 18.95 10.26 -8.66
CA ASP A 555 18.80 10.81 -7.30
C ASP A 555 18.09 9.79 -6.39
N SER A 556 18.21 8.51 -6.74
CA SER A 556 17.51 7.40 -6.07
C SER A 556 17.87 7.35 -4.60
N GLN A 557 19.15 7.54 -4.29
CA GLN A 557 19.49 7.72 -2.74
CA GLN A 557 19.49 7.73 -2.76
C GLN A 557 18.73 8.73 -1.88
N ARG A 558 18.63 9.94 -2.43
CA ARG A 558 17.90 11.05 -1.80
C ARG A 558 16.40 10.71 -1.79
N ILE A 559 15.88 10.18 -2.89
CA ILE A 559 14.43 9.85 -2.94
C ILE A 559 14.11 8.78 -1.89
N THR A 560 14.96 7.78 -1.75
CA THR A 560 14.69 6.72 -0.75
C THR A 560 14.61 7.34 0.63
N ASN A 561 15.53 8.22 0.97
CA ASN A 561 15.55 8.89 2.30
C ASN A 561 14.32 9.78 2.49
N GLU A 562 13.99 10.58 1.50
CA GLU A 562 12.83 11.51 1.58
C GLU A 562 11.51 10.75 1.68
N LEU A 563 11.38 9.68 0.93
CA LEU A 563 10.15 8.88 0.93
C LEU A 563 9.95 8.27 2.32
N PHE A 564 11.03 7.91 2.98
CA PHE A 564 10.92 7.34 4.34
C PHE A 564 10.29 8.39 5.27
N ILE A 565 10.73 9.62 5.14
CA ILE A 565 10.17 10.76 5.93
C ILE A 565 8.71 11.00 5.53
N VAL A 566 8.40 10.91 4.25
CA VAL A 566 7.01 11.11 3.77
C VAL A 566 6.11 10.06 4.43
N LYS A 567 6.57 8.81 4.52
CA LYS A 567 5.77 7.76 5.16
C LYS A 567 5.52 8.16 6.63
N ASN A 568 6.55 8.65 7.31
CA ASN A 568 6.38 9.02 8.73
C ASN A 568 5.36 10.16 8.91
N ILE A 569 5.52 11.25 8.17
CA ILE A 569 4.61 12.42 8.30
C ILE A 569 3.21 12.15 7.74
N ALA A 570 3.13 11.40 6.64
CA ALA A 570 1.81 11.06 6.05
C ALA A 570 0.99 10.17 7.00
N SER A 571 1.67 9.36 7.80
CA SER A 571 1.04 8.41 8.74
C SER A 571 0.47 9.11 9.97
N MET A 572 0.86 10.35 10.19
CA MET A 572 0.39 11.11 11.37
C MET A 572 -1.05 11.55 11.19
N ARG A 573 -1.77 11.62 12.30
CA ARG A 573 -3.18 12.02 12.33
C ARG A 573 -3.31 13.47 11.84
N LYS A 574 -4.25 13.72 10.95
CA LYS A 574 -4.53 15.09 10.49
C LYS A 574 -5.62 15.67 11.40
N PRO A 575 -5.83 16.99 11.44
CA PRO A 575 -6.87 17.57 12.27
C PRO A 575 -8.23 17.00 11.84
N ALA A 576 -9.13 16.81 12.80
CA ALA A 576 -10.45 16.25 12.47
C ALA A 576 -11.19 17.24 11.56
N ALA A 577 -11.99 16.70 10.66
CA ALA A 577 -12.74 17.54 9.71
C ALA A 577 -13.85 18.29 10.44
N SER A 578 -14.28 19.41 9.88
CA SER A 578 -15.50 20.04 10.43
C SER A 578 -16.60 19.17 9.83
N ALA A 579 -17.33 18.40 10.63
CA ALA A 579 -18.34 17.52 10.01
C ALA A 579 -19.42 18.36 9.33
N LYS A 580 -19.71 18.01 8.09
CA LYS A 580 -20.73 18.67 7.27
C LYS A 580 -22.01 17.83 7.28
N LEU A 581 -23.09 18.40 6.79
CA LEU A 581 -24.38 17.68 6.78
C LEU A 581 -24.24 16.39 5.96
N THR A 582 -23.45 16.43 4.88
CA THR A 582 -23.30 15.24 4.03
C THR A 582 -22.71 14.09 4.85
N MET A 583 -21.73 14.40 5.68
CA MET A 583 -21.09 13.37 6.51
C MET A 583 -22.09 12.78 7.51
N PHE A 584 -22.92 13.63 8.11
CA PHE A 584 -23.93 13.16 9.07
C PHE A 584 -24.91 12.24 8.35
N ARG A 585 -25.30 12.62 7.14
CA ARG A 585 -26.21 11.74 6.38
C ARG A 585 -25.49 10.41 6.11
N ASP A 586 -24.20 10.46 5.75
CA ASP A 586 -23.46 9.21 5.48
C ASP A 586 -23.44 8.36 6.75
N ALA A 587 -23.17 8.95 7.89
CA ALA A 587 -23.11 8.20 9.16
C ALA A 587 -24.47 7.60 9.55
N LEU A 588 -25.53 8.38 9.53
CA LEU A 588 -26.86 7.82 9.88
C LEU A 588 -27.26 6.73 8.89
N THR A 589 -27.02 6.92 7.61
CA THR A 589 -27.37 5.93 6.57
C THR A 589 -26.61 4.62 6.76
N ILE A 590 -25.32 4.68 7.06
CA ILE A 590 -24.54 3.42 7.25
C ILE A 590 -25.09 2.64 8.44
N LEU A 591 -25.49 3.34 9.51
CA LEU A 591 -26.06 2.70 10.71
C LEU A 591 -27.42 2.08 10.37
N GLY A 592 -28.22 2.77 9.57
CA GLY A 592 -29.56 2.34 9.18
C GLY A 592 -30.58 3.40 9.55
N ILE A 593 -31.22 3.97 8.54
CA ILE A 593 -32.19 5.08 8.70
C ILE A 593 -33.25 4.96 7.61
N ASP A 594 -34.35 5.69 7.78
CA ASP A 594 -35.44 5.72 6.78
C ASP A 594 -34.83 6.21 5.48
N ASP A 595 -35.14 5.53 4.39
CA ASP A 595 -34.59 5.84 3.06
C ASP A 595 -34.97 7.25 2.60
N ASN A 596 -36.07 7.79 3.09
CA ASN A 596 -36.51 9.10 2.54
C ASN A 596 -36.30 10.25 3.53
N ILE A 597 -35.43 10.09 4.50
CA ILE A 597 -35.19 11.16 5.49
C ILE A 597 -34.62 12.38 4.75
N THR A 598 -35.12 13.56 5.07
CA THR A 598 -34.68 14.82 4.42
C THR A 598 -33.47 15.40 5.14
N ASP A 599 -32.75 16.29 4.48
CA ASP A 599 -31.58 16.97 5.07
C ASP A 599 -32.06 17.77 6.28
N ASP A 600 -33.22 18.42 6.16
CA ASP A 600 -33.74 19.22 7.29
C ASP A 600 -34.00 18.30 8.49
N ARG A 601 -34.51 17.10 8.26
CA ARG A 601 -34.78 16.17 9.36
C ARG A 601 -33.47 15.77 10.07
N ILE A 602 -32.41 15.54 9.31
CA ILE A 602 -31.11 15.16 9.91
C ILE A 602 -30.63 16.33 10.76
N SER A 603 -30.76 17.55 10.24
CA SER A 603 -30.31 18.74 10.99
C SER A 603 -31.08 18.83 12.29
N GLU A 604 -32.38 18.54 12.23
CA GLU A 604 -33.30 18.57 13.38
C GLU A 604 -32.92 17.53 14.43
N ILE A 605 -32.70 16.29 14.02
CA ILE A 605 -32.34 15.20 14.97
C ILE A 605 -31.02 15.52 15.68
N LEU A 606 -30.02 16.03 14.97
CA LEU A 606 -28.70 16.28 15.59
C LEU A 606 -28.54 17.74 16.04
N LYS A 607 -29.57 18.58 15.86
CA LYS A 607 -29.53 20.00 16.26
C LYS A 607 -28.36 20.72 15.59
N LEU A 608 -28.12 20.44 14.33
CA LEU A 608 -26.93 20.99 13.64
C LEU A 608 -26.94 22.52 13.58
N LYS A 609 -28.10 23.13 13.41
CA LYS A 609 -28.15 24.60 13.22
C LYS A 609 -28.54 25.31 14.51
N GLU A 610 -28.63 24.56 15.59
CA GLU A 610 -29.08 25.09 16.89
C GLU A 610 -27.85 25.41 17.75
N LYS A 611 -27.91 26.54 18.44
CA LYS A 611 -26.81 26.99 19.32
C LYS A 611 -27.28 26.80 20.75
N GLY A 612 -26.38 26.34 21.61
CA GLY A 612 -26.75 26.10 23.01
C GLY A 612 -25.66 25.33 23.72
N LYS A 613 -25.83 25.15 25.03
CA LYS A 613 -24.85 24.46 25.88
C LYS A 613 -25.33 23.04 26.14
N GLY A 614 -24.47 22.06 25.89
CA GLY A 614 -24.76 20.63 26.13
C GLY A 614 -25.95 20.12 25.35
N ILE A 615 -26.20 20.63 24.16
CA ILE A 615 -27.35 20.10 23.38
C ILE A 615 -26.84 19.24 22.23
N HIS A 616 -25.53 19.12 22.05
CA HIS A 616 -24.98 18.41 20.86
C HIS A 616 -24.40 17.03 21.22
N GLY A 617 -24.92 16.37 22.23
CA GLY A 617 -24.30 15.09 22.60
C GLY A 617 -24.37 14.06 21.50
N LEU A 618 -25.54 13.89 20.90
CA LEU A 618 -25.73 12.90 19.84
C LEU A 618 -24.86 13.24 18.63
N ARG A 619 -24.78 14.51 18.27
CA ARG A 619 -23.95 14.91 17.12
C ARG A 619 -22.50 14.55 17.42
N ASN A 620 -22.06 14.87 18.63
CA ASN A 620 -20.67 14.58 19.04
C ASN A 620 -20.42 13.07 19.06
N PHE A 621 -21.38 12.31 19.53
CA PHE A 621 -21.21 10.84 19.60
C PHE A 621 -21.03 10.28 18.18
N ILE A 622 -21.88 10.71 17.24
CA ILE A 622 -21.80 10.25 15.84
C ILE A 622 -20.47 10.70 15.21
N THR A 623 -20.08 11.94 15.49
CA THR A 623 -18.81 12.43 14.93
C THR A 623 -17.63 11.61 15.44
N ASN A 624 -17.54 11.43 16.75
CA ASN A 624 -16.40 10.70 17.36
C ASN A 624 -16.37 9.22 16.94
N ASN A 625 -17.51 8.56 16.89
CA ASN A 625 -17.55 7.10 16.65
C ASN A 625 -17.77 6.70 15.20
N VAL A 626 -18.28 7.58 14.38
CA VAL A 626 -18.53 7.15 12.98
C VAL A 626 -17.73 8.00 12.00
N ILE A 627 -18.01 9.30 11.98
CA ILE A 627 -17.37 10.22 11.01
C ILE A 627 -15.85 10.21 11.19
N GLU A 628 -15.36 10.15 12.42
CA GLU A 628 -13.89 10.20 12.66
C GLU A 628 -13.25 8.81 12.56
N SER A 629 -14.02 7.80 12.23
CA SER A 629 -13.44 6.45 12.11
C SER A 629 -12.79 6.30 10.73
N SER A 630 -11.53 5.90 10.69
CA SER A 630 -10.85 5.69 9.40
C SER A 630 -11.53 4.55 8.64
N ARG A 631 -12.12 3.59 9.37
CA ARG A 631 -12.84 2.48 8.73
C ARG A 631 -14.09 2.98 8.03
N PHE A 632 -14.82 3.88 8.67
CA PHE A 632 -16.02 4.49 8.06
C PHE A 632 -15.59 5.29 6.82
N VAL A 633 -14.50 6.04 6.94
CA VAL A 633 -14.04 6.87 5.81
C VAL A 633 -13.68 5.95 4.62
N TYR A 634 -13.03 4.84 4.92
CA TYR A 634 -12.65 3.87 3.87
C TYR A 634 -13.92 3.37 3.16
N LEU A 635 -14.95 3.03 3.93
CA LEU A 635 -16.20 2.51 3.35
C LEU A 635 -16.88 3.56 2.48
N ILE A 636 -16.94 4.79 2.94
CA ILE A 636 -17.59 5.86 2.15
C ILE A 636 -16.79 6.12 0.87
N LYS A 637 -15.48 6.10 0.98
CA LYS A 637 -14.58 6.37 -0.16
C LYS A 637 -14.77 5.33 -1.28
N TYR A 638 -14.83 4.06 -0.91
CA TYR A 638 -14.89 2.98 -1.93
C TYR A 638 -16.27 2.38 -2.10
N ALA A 639 -17.20 2.68 -1.22
CA ALA A 639 -18.53 2.05 -1.31
C ALA A 639 -19.65 3.08 -1.17
N ASN A 640 -20.82 2.62 -0.76
CA ASN A 640 -22.03 3.45 -0.60
C ASN A 640 -22.63 3.12 0.76
N ALA A 641 -22.96 4.13 1.57
CA ALA A 641 -23.43 3.88 2.95
C ALA A 641 -24.70 3.03 2.95
N GLN A 642 -25.66 3.39 2.14
CA GLN A 642 -26.92 2.62 2.09
C GLN A 642 -26.68 1.19 1.59
N LYS A 643 -25.88 1.03 0.56
CA LYS A 643 -25.61 -0.33 0.03
C LYS A 643 -24.86 -1.17 1.05
N ILE A 644 -23.89 -0.58 1.75
CA ILE A 644 -23.11 -1.33 2.77
C ILE A 644 -24.06 -1.80 3.87
N ARG A 645 -24.98 -0.94 4.28
CA ARG A 645 -25.93 -1.32 5.36
C ARG A 645 -26.77 -2.50 4.87
N GLU A 646 -27.18 -2.52 3.60
CA GLU A 646 -27.97 -3.65 3.05
C GLU A 646 -27.14 -4.93 3.01
N VAL A 647 -25.87 -4.80 2.63
CA VAL A 647 -24.96 -5.99 2.56
C VAL A 647 -24.80 -6.58 3.96
N ALA A 648 -24.87 -5.73 4.99
CA ALA A 648 -24.71 -6.14 6.41
C ALA A 648 -25.85 -7.05 6.85
N LYS A 649 -26.93 -7.09 6.09
CA LYS A 649 -28.10 -7.93 6.46
C LYS A 649 -27.86 -9.38 6.05
N ASN A 650 -26.80 -9.61 5.31
CA ASN A 650 -26.50 -10.97 4.83
C ASN A 650 -25.65 -11.69 5.86
N GLU A 651 -26.26 -12.55 6.64
CA GLU A 651 -25.54 -13.27 7.73
C GLU A 651 -24.42 -14.14 7.16
N LYS A 652 -24.60 -14.70 5.99
CA LYS A 652 -23.53 -15.58 5.44
C LYS A 652 -22.26 -14.78 5.18
N VAL A 653 -22.41 -13.61 4.58
CA VAL A 653 -21.24 -12.72 4.32
C VAL A 653 -20.63 -12.27 5.64
N VAL A 654 -21.44 -11.78 6.55
CA VAL A 654 -20.93 -11.30 7.86
C VAL A 654 -20.29 -12.46 8.62
N MET A 655 -20.91 -13.63 8.60
CA MET A 655 -20.34 -14.81 9.29
C MET A 655 -19.00 -15.18 8.63
N PHE A 656 -18.89 -15.01 7.31
CA PHE A 656 -17.60 -15.33 6.66
C PHE A 656 -16.50 -14.41 7.22
N VAL A 657 -16.78 -13.12 7.31
CA VAL A 657 -15.78 -12.15 7.86
C VAL A 657 -15.47 -12.45 9.33
N LEU A 658 -16.51 -12.71 10.12
CA LEU A 658 -16.37 -13.00 11.57
C LEU A 658 -15.53 -14.29 11.73
N GLY A 659 -15.65 -15.22 10.79
CA GLY A 659 -14.94 -16.51 10.84
C GLY A 659 -13.44 -16.32 10.82
N GLY A 660 -12.98 -15.32 10.08
CA GLY A 660 -11.55 -14.99 9.95
C GLY A 660 -10.99 -14.33 11.20
N ILE A 661 -11.84 -13.74 12.00
CA ILE A 661 -11.34 -13.04 13.21
C ILE A 661 -10.91 -14.10 14.22
N PRO A 662 -9.75 -13.92 14.89
CA PRO A 662 -9.27 -14.88 15.86
C PRO A 662 -10.27 -15.08 17.00
N ASP A 663 -10.30 -16.29 17.56
CA ASP A 663 -11.26 -16.67 18.62
C ASP A 663 -11.10 -15.76 19.83
N THR A 664 -9.88 -15.41 20.21
CA THR A 664 -9.70 -14.51 21.38
C THR A 664 -10.38 -13.17 21.11
N GLN A 665 -10.26 -12.63 19.91
CA GLN A 665 -10.93 -11.36 19.56
C GLN A 665 -12.46 -11.51 19.55
N ILE A 666 -12.98 -12.62 19.05
CA ILE A 666 -14.46 -12.82 19.04
C ILE A 666 -14.97 -12.80 20.49
N GLU A 667 -14.24 -13.41 21.40
CA GLU A 667 -14.65 -13.43 22.83
C GLU A 667 -14.66 -11.99 23.36
N ARG A 668 -13.67 -11.18 23.01
CA ARG A 668 -13.63 -9.77 23.46
C ARG A 668 -14.82 -8.99 22.87
N TYR A 669 -15.09 -9.15 21.59
CA TYR A 669 -16.22 -8.45 20.96
C TYR A 669 -17.54 -8.90 21.59
N TYR A 670 -17.66 -10.19 21.80
CA TYR A 670 -18.92 -10.73 22.37
C TYR A 670 -19.17 -10.13 23.76
N LYS A 671 -18.15 -10.09 24.58
CA LYS A 671 -18.27 -9.53 25.95
C LYS A 671 -18.59 -8.02 25.92
N SER A 672 -17.95 -7.27 25.03
CA SER A 672 -18.17 -5.80 24.95
C SER A 672 -19.47 -5.40 24.24
N CYS A 673 -19.95 -6.18 23.28
CA CYS A 673 -21.13 -5.77 22.48
C CYS A 673 -22.47 -6.35 22.96
N VAL A 674 -22.45 -7.50 23.63
CA VAL A 674 -23.72 -8.16 24.04
C VAL A 674 -24.04 -7.78 25.49
N GLU A 675 -25.24 -7.30 25.73
CA GLU A 675 -25.63 -6.81 27.09
C GLU A 675 -25.59 -7.92 28.14
N PHE A 676 -26.14 -9.09 27.81
CA PHE A 676 -26.13 -10.23 28.77
C PHE A 676 -25.46 -11.40 28.06
N PRO A 677 -24.12 -11.44 28.01
CA PRO A 677 -23.42 -12.48 27.33
C PRO A 677 -23.57 -13.88 27.95
N ASP A 678 -23.77 -14.88 27.10
CA ASP A 678 -23.72 -16.29 27.56
C ASP A 678 -22.28 -16.71 27.28
N MET A 679 -21.40 -16.55 28.25
CA MET A 679 -19.96 -16.89 28.07
C MET A 679 -19.74 -18.39 27.87
N ASN A 680 -20.71 -19.22 28.26
CA ASN A 680 -20.59 -20.69 28.15
C ASN A 680 -21.00 -21.16 26.74
N SER A 681 -21.53 -20.27 25.90
CA SER A 681 -21.92 -20.66 24.53
C SER A 681 -20.67 -20.91 23.67
N SER A 682 -20.87 -21.60 22.56
CA SER A 682 -19.75 -21.94 21.65
C SER A 682 -19.29 -20.71 20.87
N LEU A 683 -18.10 -20.78 20.30
CA LEU A 683 -17.56 -19.67 19.48
C LEU A 683 -18.46 -19.47 18.27
N GLU A 684 -18.96 -20.55 17.68
CA GLU A 684 -19.87 -20.40 16.52
C GLU A 684 -21.14 -19.67 16.97
N ALA A 685 -21.66 -19.97 18.16
CA ALA A 685 -22.85 -19.29 18.69
C ALA A 685 -22.53 -17.80 18.90
N LYS A 686 -21.37 -17.50 19.45
CA LYS A 686 -20.95 -16.10 19.69
C LYS A 686 -20.84 -15.36 18.35
N ARG A 687 -20.23 -15.99 17.35
CA ARG A 687 -20.13 -15.34 16.02
C ARG A 687 -21.55 -15.15 15.48
N SER A 688 -22.40 -16.17 15.61
CA SER A 688 -23.79 -16.12 15.11
C SER A 688 -24.52 -14.97 15.80
N GLU A 689 -24.36 -14.87 17.12
CA GLU A 689 -24.88 -13.64 17.89
CA GLU A 689 -24.91 -13.63 17.86
C GLU A 689 -24.45 -12.20 17.47
N LEU A 690 -23.18 -12.09 17.14
CA LEU A 690 -22.59 -10.82 16.63
C LEU A 690 -23.17 -10.55 15.24
N ALA A 691 -23.31 -11.59 14.42
CA ALA A 691 -23.85 -11.42 13.05
C ALA A 691 -25.30 -10.92 13.12
N ARG A 692 -26.08 -11.45 14.05
CA ARG A 692 -27.48 -11.02 14.23
C ARG A 692 -27.52 -9.55 14.67
N MET A 693 -26.62 -9.16 15.55
CA MET A 693 -26.58 -7.75 16.02
C MET A 693 -26.30 -6.83 14.84
N ILE A 694 -25.34 -7.21 14.01
CA ILE A 694 -24.96 -6.41 12.81
C ILE A 694 -26.14 -6.35 11.85
N LYS A 695 -26.85 -7.46 11.68
CA LYS A 695 -28.00 -7.50 10.77
C LYS A 695 -29.09 -6.54 11.26
N ASN A 696 -29.21 -6.36 12.57
CA ASN A 696 -30.33 -5.60 13.20
C ASN A 696 -29.94 -4.20 13.67
N ILE A 697 -28.71 -3.76 13.43
CA ILE A 697 -28.27 -2.41 13.90
C ILE A 697 -29.07 -1.31 13.20
N SER A 698 -29.29 -0.19 13.87
CA SER A 698 -29.97 0.96 13.24
C SER A 698 -29.52 2.23 13.96
N PHE A 699 -29.73 3.38 13.33
CA PHE A 699 -29.37 4.67 13.97
C PHE A 699 -30.22 4.85 15.23
N ASP A 700 -31.44 4.33 15.19
CA ASP A 700 -32.47 4.44 16.25
C ASP A 700 -31.93 3.85 17.55
N ASP A 701 -31.08 2.84 17.47
CA ASP A 701 -30.50 2.17 18.67
C ASP A 701 -29.68 3.14 19.50
N PHE A 702 -29.11 4.16 18.88
CA PHE A 702 -28.16 5.08 19.56
C PHE A 702 -28.75 6.45 19.84
N LYS A 703 -30.01 6.68 19.53
CA LYS A 703 -30.61 8.03 19.67
C LYS A 703 -30.58 8.51 21.12
N ASN A 704 -30.64 7.60 22.11
CA ASN A 704 -30.66 8.04 23.53
C ASN A 704 -29.32 7.85 24.23
N VAL A 705 -28.25 7.61 23.49
CA VAL A 705 -26.92 7.40 24.13
C VAL A 705 -26.55 8.69 24.85
N LYS A 706 -25.91 8.59 26.00
CA LYS A 706 -25.53 9.83 26.72
C LYS A 706 -24.05 10.09 26.48
N GLN A 707 -23.75 11.08 25.64
CA GLN A 707 -22.36 11.43 25.30
C GLN A 707 -21.63 11.92 26.56
N GLN A 708 -22.28 12.77 27.37
CA GLN A 708 -21.66 13.15 28.66
C GLN A 708 -22.17 12.16 29.70
N ALA A 709 -21.81 10.90 29.56
CA ALA A 709 -22.34 9.82 30.42
C ALA A 709 -21.96 10.01 31.88
N LYS A 710 -22.94 9.86 32.76
CA LYS A 710 -22.68 9.90 34.21
C LYS A 710 -23.08 8.56 34.82
N GLY A 711 -22.19 8.00 35.63
CA GLY A 711 -22.48 6.75 36.35
C GLY A 711 -22.78 5.59 35.43
N ARG A 712 -23.94 4.96 35.65
CA ARG A 712 -24.41 3.74 34.94
C ARG A 712 -24.62 4.03 33.47
N GLU A 713 -24.77 5.31 33.13
CA GLU A 713 -24.98 5.73 31.73
C GLU A 713 -23.76 5.30 30.92
N ASN A 714 -22.61 5.18 31.58
CA ASN A 714 -21.33 4.79 30.93
C ASN A 714 -21.40 3.37 30.36
N VAL A 715 -22.10 2.47 31.04
CA VAL A 715 -22.16 1.07 30.56
C VAL A 715 -22.84 1.04 29.20
N ALA A 716 -23.98 1.70 29.06
CA ALA A 716 -24.67 1.72 27.75
C ALA A 716 -23.79 2.45 26.71
N LYS A 717 -23.13 3.53 27.10
CA LYS A 717 -22.31 4.28 26.11
C LYS A 717 -21.14 3.41 25.62
N GLU A 718 -20.46 2.71 26.51
CA GLU A 718 -19.32 1.87 26.11
C GLU A 718 -19.81 0.77 25.16
N ARG A 719 -20.96 0.17 25.46
CA ARG A 719 -21.51 -0.89 24.60
C ARG A 719 -21.88 -0.34 23.22
N ALA A 720 -22.45 0.85 23.17
CA ALA A 720 -22.81 1.46 21.88
C ALA A 720 -21.54 1.67 21.05
N LYS A 721 -20.48 2.14 21.68
CA LYS A 721 -19.21 2.37 20.96
C LYS A 721 -18.65 1.04 20.44
N ALA A 722 -18.72 0.00 21.26
CA ALA A 722 -18.21 -1.33 20.89
C ALA A 722 -19.01 -1.89 19.72
N VAL A 723 -20.33 -1.75 19.76
CA VAL A 723 -21.18 -2.29 18.66
C VAL A 723 -20.86 -1.56 17.36
N ILE A 724 -20.78 -0.23 17.41
CA ILE A 724 -20.48 0.54 16.17
C ILE A 724 -19.08 0.17 15.69
N GLY A 725 -18.14 0.03 16.60
CA GLY A 725 -16.77 -0.31 16.17
C GLY A 725 -16.72 -1.65 15.46
N LEU A 726 -17.40 -2.65 16.02
CA LEU A 726 -17.39 -3.98 15.38
C LEU A 726 -18.09 -3.91 14.02
N TYR A 727 -19.22 -3.21 13.96
CA TYR A 727 -19.97 -3.12 12.69
C TYR A 727 -19.11 -2.49 11.61
N LEU A 728 -18.47 -1.37 11.93
CA LEU A 728 -17.61 -0.69 10.92
C LEU A 728 -16.44 -1.60 10.54
N THR A 729 -15.83 -2.25 11.52
CA THR A 729 -14.67 -3.13 11.25
C THR A 729 -15.09 -4.27 10.33
N VAL A 730 -16.21 -4.91 10.59
CA VAL A 730 -16.61 -6.07 9.76
C VAL A 730 -16.87 -5.63 8.31
N MET A 731 -17.62 -4.57 8.10
CA MET A 731 -17.91 -4.10 6.73
C MET A 731 -16.60 -3.61 6.07
N TYR A 732 -15.74 -2.95 6.82
CA TYR A 732 -14.47 -2.44 6.27
C TYR A 732 -13.61 -3.61 5.80
N LEU A 733 -13.55 -4.68 6.59
CA LEU A 733 -12.71 -5.86 6.23
C LEU A 733 -13.21 -6.43 4.90
N LEU A 734 -14.53 -6.49 4.72
CA LEU A 734 -15.07 -7.04 3.46
C LEU A 734 -14.70 -6.15 2.27
N VAL A 735 -14.97 -4.85 2.35
CA VAL A 735 -14.68 -3.93 1.22
C VAL A 735 -13.18 -3.86 0.97
N LYS A 736 -12.39 -3.72 2.02
CA LYS A 736 -10.92 -3.61 1.86
C LYS A 736 -10.37 -4.87 1.18
N ASN A 737 -10.85 -6.04 1.60
CA ASN A 737 -10.35 -7.29 0.98
C ASN A 737 -10.70 -7.34 -0.52
N LEU A 738 -11.90 -6.91 -0.88
CA LEU A 738 -12.32 -6.90 -2.30
C LEU A 738 -11.53 -5.88 -3.12
N VAL A 739 -11.28 -4.70 -2.54
CA VAL A 739 -10.46 -3.68 -3.25
C VAL A 739 -9.06 -4.27 -3.48
N ASN A 740 -8.54 -4.97 -2.47
CA ASN A 740 -7.20 -5.61 -2.52
C ASN A 740 -7.19 -6.73 -3.56
N VAL A 741 -8.25 -7.52 -3.65
CA VAL A 741 -8.29 -8.57 -4.70
C VAL A 741 -8.31 -7.88 -6.06
N ASN A 742 -9.07 -6.80 -6.18
CA ASN A 742 -9.19 -6.08 -7.46
C ASN A 742 -7.83 -5.54 -7.90
N ALA A 743 -7.02 -5.13 -6.95
CA ALA A 743 -5.70 -4.54 -7.21
C ALA A 743 -4.82 -5.54 -7.98
N ARG A 744 -4.95 -6.83 -7.71
CA ARG A 744 -4.11 -7.85 -8.40
C ARG A 744 -4.43 -7.82 -9.90
N TYR A 745 -5.71 -7.68 -10.23
CA TYR A 745 -6.21 -7.61 -11.62
C TYR A 745 -5.78 -6.32 -12.30
N VAL A 746 -5.75 -5.24 -11.52
CA VAL A 746 -5.29 -3.92 -12.04
C VAL A 746 -3.83 -4.06 -12.45
N ILE A 747 -3.03 -4.75 -11.65
CA ILE A 747 -1.60 -4.95 -12.01
C ILE A 747 -1.56 -5.76 -13.31
N ALA A 748 -2.41 -6.76 -13.42
CA ALA A 748 -2.42 -7.60 -14.64
C ALA A 748 -2.71 -6.75 -15.88
N ILE A 749 -3.70 -5.86 -15.81
CA ILE A 749 -4.06 -4.98 -16.96
C ILE A 749 -2.90 -4.04 -17.27
N HIS A 750 -2.32 -3.44 -16.25
CA HIS A 750 -1.20 -2.49 -16.46
C HIS A 750 -0.05 -3.21 -17.17
N CYS A 751 0.29 -4.41 -16.71
CA CYS A 751 1.39 -5.21 -17.31
C CYS A 751 1.08 -5.64 -18.74
N LEU A 752 -0.17 -6.03 -19.01
CA LEU A 752 -0.55 -6.45 -20.38
C LEU A 752 -0.40 -5.26 -21.33
N GLU A 753 -0.88 -4.09 -20.96
CA GLU A 753 -0.73 -2.92 -21.84
C GLU A 753 0.76 -2.60 -22.03
N ARG A 754 1.52 -2.61 -20.94
CA ARG A 754 2.96 -2.31 -21.01
C ARG A 754 3.70 -3.36 -21.86
N ASP A 755 3.43 -4.64 -21.61
CA ASP A 755 4.07 -5.77 -22.32
C ASP A 755 3.69 -5.76 -23.80
N PHE A 756 2.43 -5.46 -24.10
CA PHE A 756 1.99 -5.41 -25.51
C PHE A 756 2.80 -4.33 -26.23
N GLY A 757 2.97 -3.18 -25.61
CA GLY A 757 3.75 -2.10 -26.23
C GLY A 757 5.18 -2.53 -26.46
N LEU A 758 5.80 -3.24 -25.52
CA LEU A 758 7.20 -3.69 -25.71
C LEU A 758 7.28 -4.79 -26.77
N TYR A 759 6.39 -5.77 -26.72
CA TYR A 759 6.42 -6.87 -27.70
C TYR A 759 6.16 -6.35 -29.11
N LYS A 760 5.37 -5.30 -29.21
CA LYS A 760 4.98 -4.73 -30.53
C LYS A 760 6.22 -4.26 -31.28
N GLU A 761 7.23 -3.80 -30.56
CA GLU A 761 8.49 -3.32 -31.17
C GLU A 761 9.32 -4.48 -31.71
N ILE A 762 9.10 -5.71 -31.25
CA ILE A 762 9.98 -6.82 -31.70
C ILE A 762 9.23 -7.95 -32.40
N ILE A 763 7.90 -7.97 -32.32
CA ILE A 763 7.12 -9.04 -32.99
C ILE A 763 6.44 -8.43 -34.21
N PRO A 764 6.85 -8.81 -35.44
CA PRO A 764 6.27 -8.27 -36.67
C PRO A 764 4.77 -8.57 -36.77
N GLU A 765 4.36 -9.71 -36.23
CA GLU A 765 2.95 -10.17 -36.28
C GLU A 765 2.01 -9.21 -35.55
N LEU A 766 2.52 -8.40 -34.63
CA LEU A 766 1.72 -7.47 -33.80
C LEU A 766 1.71 -6.09 -34.45
N ALA A 767 2.33 -5.97 -35.62
CA ALA A 767 2.56 -4.66 -36.23
C ALA A 767 1.27 -3.85 -36.46
N SER A 768 0.20 -4.45 -36.95
CA SER A 768 -1.01 -3.62 -37.20
C SER A 768 -2.05 -3.74 -36.09
N LYS A 769 -1.75 -4.46 -35.01
CA LYS A 769 -2.75 -4.75 -33.96
C LYS A 769 -2.96 -3.61 -32.97
N ASN A 770 -4.21 -3.43 -32.53
CA ASN A 770 -4.63 -2.48 -31.47
C ASN A 770 -5.09 -3.37 -30.32
N LEU A 771 -4.50 -3.22 -29.13
CA LEU A 771 -4.79 -4.16 -28.02
C LEU A 771 -6.27 -4.16 -27.64
N LYS A 772 -6.89 -3.00 -27.56
CA LYS A 772 -8.30 -2.88 -27.11
C LYS A 772 -9.27 -3.59 -28.05
N ASN A 773 -8.90 -3.80 -29.31
CA ASN A 773 -9.78 -4.53 -30.27
C ASN A 773 -9.95 -5.96 -29.78
N ASP A 774 -8.89 -6.54 -29.24
CA ASP A 774 -8.93 -7.91 -28.69
C ASP A 774 -7.79 -8.03 -27.67
N TYR A 775 -8.14 -8.05 -26.40
CA TYR A 775 -7.13 -8.12 -25.30
C TYR A 775 -6.34 -9.43 -25.35
N ARG A 776 -6.89 -10.46 -25.99
CA ARG A 776 -6.24 -11.79 -26.04
C ARG A 776 -5.10 -11.85 -27.06
N ILE A 777 -4.89 -10.79 -27.83
CA ILE A 777 -3.93 -10.84 -28.97
C ILE A 777 -2.49 -11.18 -28.54
N LEU A 778 -2.02 -10.65 -27.42
CA LEU A 778 -0.62 -10.95 -27.03
C LEU A 778 -0.46 -12.43 -26.71
N SER A 779 -1.31 -12.98 -25.85
CA SER A 779 -1.19 -14.41 -25.51
C SER A 779 -1.38 -15.28 -26.75
N GLN A 780 -2.37 -14.94 -27.57
CA GLN A 780 -2.68 -15.72 -28.79
C GLN A 780 -1.48 -15.69 -29.74
N THR A 781 -0.95 -14.51 -30.01
CA THR A 781 0.19 -14.39 -30.93
C THR A 781 1.41 -15.12 -30.39
N LEU A 782 1.74 -14.96 -29.11
CA LEU A 782 2.92 -15.64 -28.54
C LEU A 782 2.72 -17.15 -28.53
N CYS A 783 1.53 -17.64 -28.23
CA CYS A 783 1.30 -19.11 -28.22
C CYS A 783 1.47 -19.65 -29.65
N GLU A 784 0.94 -18.94 -30.64
CA GLU A 784 1.04 -19.39 -32.05
C GLU A 784 2.51 -19.46 -32.47
N LEU A 785 3.31 -18.46 -32.09
CA LEU A 785 4.74 -18.42 -32.45
C LEU A 785 5.46 -19.60 -31.81
N CYS A 786 5.10 -19.98 -30.59
CA CYS A 786 5.80 -21.13 -29.97
C CYS A 786 5.50 -22.38 -30.79
N ASP A 787 4.27 -22.56 -31.21
CA ASP A 787 3.87 -23.76 -31.99
C ASP A 787 4.52 -23.76 -33.39
N ASP A 788 4.53 -22.63 -34.08
CA ASP A 788 4.97 -22.56 -35.50
C ASP A 788 6.46 -22.27 -35.71
N ARG A 789 7.20 -21.83 -34.70
CA ARG A 789 8.60 -21.41 -34.93
C ARG A 789 9.55 -22.08 -33.95
N ASN A 790 10.86 -21.90 -34.13
CA ASN A 790 11.85 -22.50 -33.21
C ASN A 790 12.29 -21.47 -32.18
N GLU A 791 12.59 -20.27 -32.63
CA GLU A 791 13.02 -19.20 -31.72
C GLU A 791 11.79 -18.67 -30.97
N SER A 792 11.95 -18.29 -29.70
CA SER A 792 10.81 -17.68 -28.96
C SER A 792 11.29 -16.64 -27.97
N SER A 793 10.73 -15.44 -28.05
CA SER A 793 11.07 -14.38 -27.07
C SER A 793 10.56 -14.78 -25.68
N ASN A 794 9.32 -15.23 -25.62
CA ASN A 794 8.66 -15.57 -24.33
C ASN A 794 9.04 -16.99 -23.90
N LEU A 795 9.85 -17.10 -22.86
CA LEU A 795 10.31 -18.40 -22.31
C LEU A 795 9.20 -19.12 -21.54
N PHE A 796 8.28 -18.39 -20.93
CA PHE A 796 7.26 -19.11 -20.12
C PHE A 796 6.47 -20.05 -21.04
N LEU A 797 5.98 -19.54 -22.15
CA LEU A 797 5.21 -20.33 -23.12
C LEU A 797 6.08 -21.35 -23.86
N LYS A 798 7.28 -20.97 -24.27
CA LYS A 798 8.12 -21.92 -25.05
C LYS A 798 8.52 -23.13 -24.22
N LYS A 799 8.98 -22.91 -22.99
CA LYS A 799 9.48 -23.98 -22.10
C LYS A 799 8.38 -24.93 -21.61
N ASN A 800 7.15 -24.44 -21.48
CA ASN A 800 6.12 -25.32 -20.89
C ASN A 800 5.03 -25.57 -21.91
N LYS A 801 5.18 -26.63 -22.70
CA LYS A 801 4.19 -26.93 -23.76
C LYS A 801 2.83 -27.22 -23.14
N ARG A 802 2.79 -27.95 -22.03
CA ARG A 802 1.49 -28.29 -21.43
C ARG A 802 0.76 -27.01 -21.00
N LEU A 803 1.42 -26.12 -20.28
CA LEU A 803 0.75 -24.87 -19.87
C LEU A 803 0.41 -24.02 -21.10
N ARG A 804 1.26 -24.02 -22.11
CA ARG A 804 0.97 -23.23 -23.33
C ARG A 804 -0.32 -23.74 -23.97
N LYS A 805 -0.49 -25.06 -24.03
CA LYS A 805 -1.70 -25.68 -24.60
C LYS A 805 -2.91 -25.30 -23.75
N CYS A 806 -2.73 -25.27 -22.43
CA CYS A 806 -3.84 -24.89 -21.52
C CYS A 806 -4.26 -23.45 -21.79
N VAL A 807 -3.31 -22.56 -21.97
CA VAL A 807 -3.62 -21.13 -22.27
C VAL A 807 -4.36 -21.04 -23.60
N GLU A 808 -3.98 -21.86 -24.57
CA GLU A 808 -4.64 -21.82 -25.89
C GLU A 808 -6.12 -22.20 -25.72
N VAL A 809 -6.39 -23.19 -24.89
CA VAL A 809 -7.80 -23.59 -24.65
C VAL A 809 -8.57 -22.45 -23.99
N ASP A 810 -7.95 -21.80 -23.02
CA ASP A 810 -8.57 -20.67 -22.29
C ASP A 810 -8.84 -19.51 -23.25
N ILE A 811 -7.92 -19.23 -24.16
CA ILE A 811 -8.14 -18.11 -25.12
C ILE A 811 -9.38 -18.38 -25.97
N ASN A 812 -9.53 -19.63 -26.41
CA ASN A 812 -10.65 -20.08 -27.28
C ASN A 812 -11.98 -20.03 -26.54
N ASN A 813 -11.95 -20.25 -25.22
CA ASN A 813 -13.13 -20.19 -24.33
C ASN A 813 -13.60 -18.75 -24.20
N ALA A 814 -12.70 -17.81 -24.41
CA ALA A 814 -12.97 -16.36 -24.27
C ALA A 814 -13.24 -15.73 -25.64
N ASP A 815 -13.46 -14.43 -25.63
CA ASP A 815 -13.69 -13.63 -26.86
C ASP A 815 -13.29 -12.18 -26.58
N SER A 816 -13.22 -11.38 -27.62
CA SER A 816 -12.80 -9.97 -27.47
C SER A 816 -13.80 -9.20 -26.63
N SER A 817 -15.08 -9.50 -26.75
CA SER A 817 -16.11 -8.74 -26.00
C SER A 817 -16.04 -8.98 -24.48
N MET A 818 -16.02 -10.23 -24.04
CA MET A 818 -15.98 -10.50 -22.58
C MET A 818 -14.68 -9.98 -21.96
N THR A 819 -13.56 -10.11 -22.65
CA THR A 819 -12.26 -9.65 -22.09
C THR A 819 -12.25 -8.12 -21.96
N ARG A 820 -12.87 -7.43 -22.91
CA ARG A 820 -12.95 -5.95 -22.84
C ARG A 820 -13.80 -5.56 -21.62
N LYS A 821 -14.91 -6.26 -21.39
CA LYS A 821 -15.78 -5.96 -20.23
C LYS A 821 -15.01 -6.20 -18.94
N TYR A 822 -14.24 -7.27 -18.89
CA TYR A 822 -13.44 -7.62 -17.70
C TYR A 822 -12.44 -6.50 -17.41
N ALA A 823 -11.75 -6.03 -18.43
CA ALA A 823 -10.75 -4.97 -18.25
C ALA A 823 -11.44 -3.70 -17.72
N ASN A 824 -12.60 -3.37 -18.27
CA ASN A 824 -13.35 -2.18 -17.82
C ASN A 824 -13.80 -2.36 -16.36
N CYS A 825 -14.31 -3.52 -16.01
CA CYS A 825 -14.79 -3.78 -14.64
C CYS A 825 -13.61 -3.67 -13.67
N ILE A 826 -12.45 -4.21 -14.06
CA ILE A 826 -11.25 -4.14 -13.17
C ILE A 826 -10.85 -2.68 -12.96
N ALA A 827 -10.75 -1.93 -14.04
CA ALA A 827 -10.33 -0.52 -13.98
C ALA A 827 -11.33 0.34 -13.17
N HIS A 828 -12.62 0.00 -13.18
CA HIS A 828 -13.62 0.86 -12.52
C HIS A 828 -14.07 0.34 -11.16
N LEU A 829 -13.44 -0.73 -10.67
CA LEU A 829 -13.84 -1.33 -9.38
C LEU A 829 -15.33 -1.67 -9.38
N THR A 830 -15.81 -2.22 -10.49
CA THR A 830 -17.24 -2.58 -10.65
C THR A 830 -17.66 -3.62 -9.61
N VAL A 831 -16.78 -4.52 -9.25
CA VAL A 831 -17.16 -5.56 -8.27
C VAL A 831 -17.52 -4.87 -6.96
N VAL A 832 -16.71 -3.91 -6.54
CA VAL A 832 -17.00 -3.19 -5.27
C VAL A 832 -18.27 -2.36 -5.45
N ARG A 833 -18.30 -1.58 -6.53
CA ARG A 833 -19.63 -0.90 -6.87
CA ARG A 833 -19.64 -0.88 -6.90
C ARG A 833 -20.98 -1.60 -6.94
N GLU A 834 -20.94 -2.82 -7.46
CA GLU A 834 -22.12 -3.70 -7.68
C GLU A 834 -22.19 -4.83 -6.65
N LEU A 835 -21.44 -4.74 -5.56
CA LEU A 835 -21.36 -5.85 -4.57
C LEU A 835 -22.74 -6.15 -4.01
N LYS A 836 -23.48 -5.12 -3.62
CA LYS A 836 -24.80 -5.29 -2.99
C LYS A 836 -25.76 -5.99 -3.96
N GLU A 837 -25.60 -5.72 -5.24
CA GLU A 837 -26.47 -6.28 -6.28
C GLU A 837 -26.35 -7.81 -6.36
N TYR A 838 -25.15 -8.38 -6.22
CA TYR A 838 -25.00 -9.83 -6.45
C TYR A 838 -24.48 -10.64 -5.26
N ILE A 839 -23.93 -10.00 -4.23
CA ILE A 839 -23.32 -10.81 -3.13
C ILE A 839 -24.37 -11.69 -2.47
N GLY A 840 -25.61 -11.25 -2.45
CA GLY A 840 -26.73 -11.97 -1.82
C GLY A 840 -27.04 -13.29 -2.52
N ASP A 841 -26.64 -13.43 -3.79
CA ASP A 841 -26.93 -14.65 -4.58
C ASP A 841 -25.90 -15.76 -4.37
N ILE A 842 -24.83 -15.53 -3.63
CA ILE A 842 -23.78 -16.56 -3.43
C ILE A 842 -24.28 -17.60 -2.42
N ARG A 843 -24.31 -18.86 -2.82
CA ARG A 843 -24.77 -19.95 -1.94
C ARG A 843 -23.82 -20.13 -0.76
N THR A 844 -22.52 -20.24 -1.03
CA THR A 844 -21.54 -20.41 0.05
C THR A 844 -20.44 -19.34 -0.04
N VAL A 845 -20.27 -18.59 1.04
CA VAL A 845 -19.24 -17.51 1.06
C VAL A 845 -18.01 -18.11 1.74
N ASP A 846 -16.99 -18.49 0.97
CA ASP A 846 -15.82 -19.12 1.64
C ASP A 846 -14.49 -18.42 1.37
N SER A 847 -14.43 -17.49 0.44
CA SER A 847 -13.17 -16.74 0.22
C SER A 847 -13.44 -15.40 -0.46
N TYR A 848 -12.50 -14.46 -0.29
CA TYR A 848 -12.62 -13.16 -0.98
C TYR A 848 -12.50 -13.42 -2.49
N PHE A 849 -11.63 -14.34 -2.84
CA PHE A 849 -11.42 -14.67 -4.27
C PHE A 849 -12.75 -15.16 -4.87
N SER A 850 -13.43 -16.08 -4.20
CA SER A 850 -14.71 -16.57 -4.76
C SER A 850 -15.79 -15.48 -4.79
N ILE A 851 -15.82 -14.62 -3.78
CA ILE A 851 -16.83 -13.52 -3.82
C ILE A 851 -16.54 -12.63 -5.01
N TYR A 852 -15.28 -12.25 -5.17
CA TYR A 852 -14.92 -11.30 -6.25
C TYR A 852 -15.27 -11.88 -7.62
N HIS A 853 -14.88 -13.11 -7.86
CA HIS A 853 -15.15 -13.75 -9.17
C HIS A 853 -16.66 -13.95 -9.41
N TYR A 854 -17.40 -14.32 -8.37
CA TYR A 854 -18.85 -14.49 -8.61
C TYR A 854 -19.48 -13.14 -9.01
N VAL A 855 -19.18 -12.09 -8.27
CA VAL A 855 -19.74 -10.76 -8.58
C VAL A 855 -19.24 -10.32 -9.95
N MET A 856 -17.97 -10.54 -10.23
CA MET A 856 -17.41 -10.13 -11.53
C MET A 856 -18.13 -10.86 -12.66
N GLN A 857 -18.34 -12.15 -12.53
CA GLN A 857 -19.02 -12.95 -13.58
C GLN A 857 -20.46 -12.46 -13.76
N ARG A 858 -21.14 -12.13 -12.68
CA ARG A 858 -22.52 -11.60 -12.80
C ARG A 858 -22.48 -10.27 -13.56
N CYS A 859 -21.51 -9.42 -13.26
CA CYS A 859 -21.40 -8.12 -13.94
C CYS A 859 -21.10 -8.34 -15.43
N ILE A 860 -20.22 -9.27 -15.75
CA ILE A 860 -19.83 -9.52 -17.17
C ILE A 860 -21.02 -10.06 -17.97
N THR A 861 -21.79 -10.96 -17.37
CA THR A 861 -22.90 -11.62 -18.10
C THR A 861 -24.20 -10.83 -18.04
N LYS A 862 -24.25 -9.74 -17.30
CA LYS A 862 -25.50 -8.95 -17.25
C LYS A 862 -25.88 -8.51 -18.66
N ARG A 863 -27.13 -8.75 -19.06
CA ARG A 863 -27.63 -8.37 -20.41
C ARG A 863 -28.16 -6.93 -20.35
N GLY A 864 -27.45 -6.00 -20.99
CA GLY A 864 -27.86 -4.57 -21.01
C GLY A 864 -29.32 -4.41 -21.37
N ASP A 865 -30.06 -3.64 -20.56
CA ASP A 865 -31.51 -3.40 -20.81
C ASP A 865 -31.66 -2.34 -21.91
N ASP A 866 -30.66 -1.46 -22.05
CA ASP A 866 -30.69 -0.39 -23.07
C ASP A 866 -30.24 -0.96 -24.42
N THR A 867 -29.26 -1.87 -24.40
CA THR A 867 -28.74 -2.50 -25.64
C THR A 867 -29.66 -3.67 -26.04
N LYS A 868 -29.49 -4.18 -27.26
CA LYS A 868 -30.33 -5.31 -27.75
C LYS A 868 -29.67 -6.64 -27.33
N GLN A 869 -30.39 -7.75 -27.50
CA GLN A 869 -29.86 -9.09 -27.13
C GLN A 869 -28.49 -9.30 -27.76
N GLU A 870 -27.46 -9.47 -26.93
CA GLU A 870 -26.07 -9.68 -27.43
C GLU A 870 -25.71 -11.16 -27.33
N GLU A 871 -24.54 -11.54 -27.85
CA GLU A 871 -24.08 -12.95 -27.82
C GLU A 871 -23.92 -13.41 -26.36
N LYS A 872 -25.01 -13.94 -25.81
CA LYS A 872 -25.03 -14.53 -24.46
C LYS A 872 -23.77 -15.38 -24.28
N ILE A 873 -23.05 -15.20 -23.18
CA ILE A 873 -21.81 -15.96 -22.92
C ILE A 873 -22.23 -17.38 -22.55
N LYS A 874 -21.48 -18.39 -22.96
CA LYS A 874 -21.82 -19.82 -22.70
C LYS A 874 -21.80 -20.20 -21.21
N TYR A 875 -21.12 -19.44 -20.36
CA TYR A 875 -21.04 -19.73 -18.90
C TYR A 875 -22.24 -19.14 -18.15
N GLU A 876 -23.01 -18.26 -18.77
CA GLU A 876 -24.12 -17.57 -18.05
C GLU A 876 -25.10 -18.54 -17.39
N ASP A 877 -25.61 -19.50 -18.14
CA ASP A 877 -26.66 -20.40 -17.58
C ASP A 877 -26.19 -21.10 -16.31
N ASP A 878 -25.03 -21.74 -16.34
CA ASP A 878 -24.55 -22.47 -15.14
C ASP A 878 -24.26 -21.50 -13.99
N LEU A 879 -23.71 -20.34 -14.29
CA LEU A 879 -23.40 -19.37 -13.22
C LEU A 879 -24.70 -18.98 -12.53
N LEU A 880 -25.75 -18.73 -13.28
CA LEU A 880 -27.03 -18.33 -12.67
C LEU A 880 -27.61 -19.49 -11.84
N LYS A 881 -27.48 -20.72 -12.29
CA LYS A 881 -27.97 -21.89 -11.52
C LYS A 881 -27.09 -22.23 -10.31
N ASN A 882 -25.78 -22.17 -10.48
CA ASN A 882 -24.80 -22.58 -9.45
C ASN A 882 -24.74 -21.69 -8.22
N HIS A 883 -24.96 -20.39 -8.35
CA HIS A 883 -24.83 -19.45 -7.22
C HIS A 883 -23.38 -19.44 -6.69
N GLY A 884 -22.44 -19.64 -7.60
CA GLY A 884 -21.01 -19.63 -7.29
C GLY A 884 -20.22 -19.39 -8.55
N TYR A 885 -19.01 -18.89 -8.45
CA TYR A 885 -18.21 -18.59 -9.66
C TYR A 885 -17.83 -19.87 -10.40
N THR A 886 -17.62 -19.74 -11.70
CA THR A 886 -17.22 -20.86 -12.58
C THR A 886 -15.72 -20.78 -12.80
N LYS A 887 -14.99 -21.84 -12.44
CA LYS A 887 -13.51 -21.87 -12.54
C LYS A 887 -13.03 -21.68 -13.97
N ASP A 888 -13.67 -22.33 -14.93
CA ASP A 888 -13.29 -22.20 -16.35
C ASP A 888 -13.47 -20.78 -16.85
N PHE A 889 -14.48 -20.09 -16.35
CA PHE A 889 -14.79 -18.69 -16.75
C PHE A 889 -13.67 -17.76 -16.30
N VAL A 890 -13.13 -18.01 -15.11
CA VAL A 890 -11.99 -17.19 -14.60
C VAL A 890 -10.81 -17.38 -15.55
N LYS A 891 -10.52 -18.62 -15.91
CA LYS A 891 -9.38 -18.91 -16.82
C LYS A 891 -9.58 -18.24 -18.18
N ALA A 892 -10.79 -18.30 -18.72
CA ALA A 892 -11.07 -17.68 -20.03
C ALA A 892 -10.89 -16.16 -19.91
N LEU A 893 -11.42 -15.57 -18.86
CA LEU A 893 -11.33 -14.11 -18.65
C LEU A 893 -9.87 -13.67 -18.48
N ASN A 894 -9.07 -14.51 -17.85
CA ASN A 894 -7.64 -14.23 -17.53
C ASN A 894 -6.72 -14.61 -18.69
N SER A 895 -7.27 -15.11 -19.80
CA SER A 895 -6.48 -15.61 -20.95
C SER A 895 -5.56 -14.52 -21.52
N PRO A 896 -5.92 -13.23 -21.50
CA PRO A 896 -5.02 -12.18 -21.97
C PRO A 896 -3.69 -12.12 -21.18
N PHE A 897 -3.72 -12.59 -19.93
CA PHE A 897 -2.56 -12.57 -18.99
C PHE A 897 -1.77 -13.87 -19.11
N GLY A 898 -2.19 -14.74 -20.01
CA GLY A 898 -1.61 -16.07 -20.20
C GLY A 898 -0.12 -16.06 -20.53
N TYR A 899 0.35 -15.02 -21.19
CA TYR A 899 1.77 -14.92 -21.59
C TYR A 899 2.70 -14.90 -20.36
N ASN A 900 2.23 -14.42 -19.22
CA ASN A 900 3.02 -14.48 -17.97
C ASN A 900 2.41 -15.62 -17.18
N ILE A 901 3.02 -16.79 -17.25
CA ILE A 901 2.38 -18.00 -16.66
C ILE A 901 2.16 -17.88 -15.15
N PRO A 902 3.14 -17.42 -14.34
CA PRO A 902 2.92 -17.31 -12.92
C PRO A 902 1.79 -16.34 -12.59
N ARG A 903 1.73 -15.20 -13.28
CA ARG A 903 0.62 -14.27 -13.02
C ARG A 903 -0.70 -14.94 -13.40
N PHE A 904 -0.75 -15.57 -14.56
CA PHE A 904 -2.00 -16.21 -15.04
C PHE A 904 -2.47 -17.29 -14.08
N LYS A 905 -1.58 -18.16 -13.65
CA LYS A 905 -1.97 -19.22 -12.70
C LYS A 905 -2.38 -18.63 -11.35
N ASN A 906 -1.61 -17.67 -10.85
CA ASN A 906 -1.92 -17.09 -9.53
C ASN A 906 -3.30 -16.40 -9.55
N LEU A 907 -3.63 -15.75 -10.66
CA LEU A 907 -4.89 -14.99 -10.76
C LEU A 907 -6.07 -15.90 -11.16
N SER A 908 -5.80 -17.12 -11.60
CA SER A 908 -6.86 -18.04 -12.10
C SER A 908 -7.19 -19.17 -11.12
N ILE A 909 -6.25 -19.54 -10.26
CA ILE A 909 -6.45 -20.68 -9.34
C ILE A 909 -6.53 -20.17 -7.90
N GLU A 910 -7.65 -20.41 -7.25
CA GLU A 910 -7.91 -19.83 -5.91
C GLU A 910 -6.82 -20.22 -4.93
N GLN A 911 -6.34 -21.46 -4.99
CA GLN A 911 -5.31 -21.98 -4.05
C GLN A 911 -3.98 -21.23 -4.20
N LEU A 912 -3.68 -20.72 -5.39
CA LEU A 912 -2.38 -20.04 -5.62
C LEU A 912 -2.50 -18.53 -5.45
N PHE A 913 -3.71 -18.01 -5.30
CA PHE A 913 -3.90 -16.55 -5.33
C PHE A 913 -3.28 -15.76 -4.18
N ASP A 914 -3.53 -16.17 -2.95
CA ASP A 914 -3.09 -15.39 -1.78
C ASP A 914 -1.86 -16.02 -1.12
N ARG A 915 -0.79 -15.24 -1.00
CA ARG A 915 0.46 -15.72 -0.36
C ARG A 915 0.22 -16.05 1.11
N ASN A 916 -0.79 -15.46 1.73
CA ASN A 916 -1.08 -15.64 3.17
C ASN A 916 -2.04 -16.80 3.43
N GLU A 917 -2.50 -17.47 2.39
CA GLU A 917 -3.47 -18.58 2.59
C GLU A 917 -2.80 -19.93 2.37
N TYR A 918 -3.39 -20.98 2.94
CA TYR A 918 -2.93 -22.38 2.79
C TYR A 918 -1.48 -22.53 3.24
N LEU A 919 -1.11 -21.85 4.31
CA LEU A 919 0.30 -21.95 4.74
C LEU A 919 0.63 -23.39 5.13
N THR A 920 -0.28 -24.07 5.85
CA THR A 920 0.07 -25.46 6.27
C THR A 920 0.10 -26.37 5.05
N GLU A 921 -0.92 -26.31 4.18
CA GLU A 921 -0.93 -27.19 2.98
C GLU A 921 0.20 -26.84 1.99
N LYS A 922 0.60 -25.57 1.91
CA LYS A 922 1.68 -25.14 0.98
C LYS A 922 2.93 -26.00 1.14
#